data_8WNT
#
_entry.id   8WNT
#
_cell.length_a   1.00
_cell.length_b   1.00
_cell.length_c   1.00
_cell.angle_alpha   90.00
_cell.angle_beta   90.00
_cell.angle_gamma   90.00
#
_symmetry.space_group_name_H-M   'P 1'
#
loop_
_entity.id
_entity.type
_entity.pdbx_description
1 polymer 'Amino acid transporter heavy chain SLC3A2'
2 polymer 'Asc-type amino acid transporter 1'
3 branched 2-acetamido-2-deoxy-beta-D-glucopyranose-(1-4)-2-acetamido-2-deoxy-beta-D-glucopyranose
4 non-polymer 2-acetamido-2-deoxy-beta-D-glucopyranose
5 non-polymer ALANINE
#
loop_
_entity_poly.entity_id
_entity_poly.type
_entity_poly.pdbx_seq_one_letter_code
_entity_poly.pdbx_strand_id
1 'polypeptide(L)'
;MELQPPEASIAVVSIPRQLPGSHSEAGVQGLSAGDDSETGSDCVTQAGLQLLASSDPPALASKNAEVTVETGFHHVSQAD
IEFLTSIDPTASASGSAGITGTMSQDTEVDMKEVELNELEPEKQPMNAASGAAMSLAGAEKNGLVKIKVAEDEAEAAAAA
KFTGLSKEELLKVAGSPGWVRTRWALLLLFWLGWLGMLAGAVVIIVRAPRCRELPAQKWWHTGALYRIGDLQAFQGHGAG
NLAGLKGRLDYLSSLKVKGLVLGPIHKNQKDDVAQTDLLQIDPNFGSKEDFDSLLQSAKKKSIRVILDLTPNYRGENSWF
STQVDTVATKVKDALEFWLQAGVDGFQVRDIENLKDASSFLAEWQNITKGFSEDRLLIAGTNSSDLQQILSLLESNKDLL
LTSSYLSDSGSTGEHTKSLVTQYLNATGNRWCSWSLSQARLLTSFLPAQLLRLYQLMLFTLPGTPVFSYGDEIGLDAAAL
PGQPMEAPVMLWDESSFPDIPGAVSANMTVKGQSEDPGSLLSLFRRLSDQRSKERSLLHGDFHAFSAGPGLFSYIRHWDQ
NERFLVVLNFGDVGLSAGLQASDLPASASLPAKADLLLSTQPGREEGSPLELERLKLEPHEGLLLRFPYAA
;
A
2 'polypeptide(L)'
;MAGHTQQPSGRGNPRPAPSPSPVPGTVPGASERVALKKEIGLLSACTIIIGNIIGSGIFISPKGVLEHSGSVGLALFVWV
LGGGVTALGSLCYAELGVAIPKSGGDYAYVTEIFGGLAGFLLLWSAVLIMYPTSLAVISMTFSNYVLQPVFPNCIPPTTA
SRVLSMACLMLLTWVNSSSVRWATRIQDMFTGGKLLALSLIIGVGLLQIFQGHFEELRPSNAFAFWMTPSVGHLALAFLQ
GSFAFSGWNFLNYVTEEMVDARKNLPRAIFISIPLVTFVYTFTNIAYFTAMSPQELLSSNAVAVTFGEKLLGYFSWVMPV
SVALSTFGGINGYLFTYSRLCFSGAREGHLPSLLAMIHVRHCTPIPALLVCCGATAVIMLVGDTYTLINYVSFINYLCYG
VTILGLLLLRWRRPALHRPIKVNLLIPVAYLVFWAFLLVFSFISEPMVCGVGVIIILTGVPIFFLGVFWRSKPKCVHRLT
ESMTHWGQELCFVVYPQDAPEEEENGPCPPSLLPATDKPSKPQ
;
B
#
# COMPACT_ATOMS: atom_id res chain seq x y z
N PHE A 162 -16.21 -28.82 43.01
CA PHE A 162 -15.10 -28.47 43.90
C PHE A 162 -15.40 -27.18 44.65
N THR A 163 -14.85 -26.06 44.15
CA THR A 163 -15.13 -24.77 44.78
C THR A 163 -16.60 -24.38 44.62
N GLY A 164 -17.17 -24.61 43.45
CA GLY A 164 -18.56 -24.31 43.20
C GLY A 164 -19.50 -25.39 43.67
N LEU A 165 -20.77 -25.25 43.30
CA LEU A 165 -21.78 -26.22 43.67
C LEU A 165 -21.63 -27.49 42.82
N SER A 166 -22.46 -28.49 43.14
CA SER A 166 -22.42 -29.77 42.46
C SER A 166 -23.57 -29.85 41.45
N LYS A 167 -23.54 -30.91 40.63
CA LYS A 167 -24.57 -31.10 39.63
C LYS A 167 -25.94 -31.34 40.26
N GLU A 168 -25.99 -32.18 41.30
CA GLU A 168 -27.26 -32.48 41.94
C GLU A 168 -27.85 -31.25 42.62
N GLU A 169 -27.01 -30.47 43.31
CA GLU A 169 -27.50 -29.27 43.97
C GLU A 169 -28.01 -28.26 42.95
N LEU A 170 -27.30 -28.12 41.83
CA LEU A 170 -27.75 -27.20 40.78
C LEU A 170 -29.10 -27.64 40.21
N LEU A 171 -29.23 -28.93 39.89
CA LEU A 171 -30.47 -29.42 39.30
C LEU A 171 -31.66 -29.23 40.23
N LYS A 172 -31.44 -29.32 41.54
CA LYS A 172 -32.52 -29.10 42.49
C LYS A 172 -32.88 -27.62 42.59
N VAL A 173 -31.91 -26.73 42.35
CA VAL A 173 -32.13 -25.31 42.55
C VAL A 173 -32.31 -24.54 41.24
N ALA A 174 -31.86 -25.09 40.10
CA ALA A 174 -31.98 -24.41 38.83
C ALA A 174 -33.04 -25.03 37.92
N GLY A 175 -33.76 -26.04 38.40
CA GLY A 175 -34.82 -26.63 37.62
C GLY A 175 -36.17 -26.02 37.92
N SER A 176 -36.26 -25.31 39.03
CA SER A 176 -37.49 -24.66 39.44
C SER A 176 -37.75 -23.39 38.62
N PRO A 177 -39.00 -22.98 38.51
CA PRO A 177 -39.29 -21.70 37.83
C PRO A 177 -38.62 -20.54 38.55
N GLY A 178 -38.17 -19.56 37.76
CA GLY A 178 -37.44 -18.41 38.27
C GLY A 178 -36.06 -18.28 37.64
N TRP A 179 -35.45 -19.39 37.26
CA TRP A 179 -34.19 -19.40 36.53
C TRP A 179 -34.34 -19.77 35.07
N VAL A 180 -35.24 -20.72 34.76
CA VAL A 180 -35.48 -21.08 33.36
C VAL A 180 -36.12 -19.92 32.60
N ARG A 181 -36.87 -19.07 33.29
CA ARG A 181 -37.45 -17.89 32.65
C ARG A 181 -36.39 -16.82 32.39
N THR A 182 -35.52 -16.57 33.37
CA THR A 182 -34.54 -15.50 33.23
C THR A 182 -33.55 -15.79 32.10
N ARG A 183 -33.06 -17.03 32.00
CA ARG A 183 -32.12 -17.35 30.94
C ARG A 183 -32.79 -17.30 29.57
N TRP A 184 -34.07 -17.70 29.49
CA TRP A 184 -34.81 -17.54 28.24
C TRP A 184 -35.04 -16.06 27.93
N ALA A 185 -35.33 -15.26 28.95
CA ALA A 185 -35.46 -13.82 28.74
C ALA A 185 -34.13 -13.20 28.32
N LEU A 186 -33.03 -13.64 28.93
CA LEU A 186 -31.72 -13.12 28.57
C LEU A 186 -31.31 -13.56 27.17
N LEU A 187 -31.66 -14.79 26.80
CA LEU A 187 -31.37 -15.26 25.44
C LEU A 187 -32.13 -14.43 24.40
N LEU A 188 -33.39 -14.09 24.69
CA LEU A 188 -34.14 -13.23 23.79
C LEU A 188 -33.52 -11.84 23.70
N LEU A 189 -33.05 -11.31 24.84
CA LEU A 189 -32.47 -9.97 24.85
C LEU A 189 -31.22 -9.91 23.98
N PHE A 190 -30.36 -10.93 24.05
CA PHE A 190 -29.18 -10.97 23.20
C PHE A 190 -29.55 -11.01 21.73
N TRP A 191 -30.52 -11.86 21.36
CA TRP A 191 -30.92 -11.97 19.96
C TRP A 191 -31.50 -10.67 19.45
N LEU A 192 -32.29 -9.98 20.29
CA LEU A 192 -32.82 -8.67 19.90
C LEU A 192 -31.70 -7.66 19.72
N GLY A 193 -30.70 -7.69 20.60
CA GLY A 193 -29.58 -6.76 20.49
C GLY A 193 -28.76 -6.97 19.23
N TRP A 194 -28.50 -8.23 18.87
CA TRP A 194 -27.71 -8.52 17.69
C TRP A 194 -28.39 -8.02 16.42
N LEU A 195 -29.69 -8.25 16.31
CA LEU A 195 -30.44 -7.72 15.17
C LEU A 195 -30.53 -6.20 15.24
N GLY A 196 -30.63 -5.66 16.45
CA GLY A 196 -30.65 -4.21 16.61
C GLY A 196 -29.34 -3.57 16.19
N MET A 197 -28.21 -4.24 16.48
CA MET A 197 -26.92 -3.74 16.02
C MET A 197 -26.79 -3.86 14.52
N LEU A 198 -27.23 -4.99 13.95
CA LEU A 198 -27.13 -5.18 12.51
C LEU A 198 -28.00 -4.17 11.76
N ALA A 199 -29.20 -3.90 12.26
CA ALA A 199 -30.05 -2.89 11.64
C ALA A 199 -29.45 -1.50 11.81
N GLY A 200 -28.83 -1.23 12.96
CA GLY A 200 -28.21 0.07 13.17
C GLY A 200 -27.05 0.32 12.23
N ALA A 201 -26.27 -0.72 11.93
CA ALA A 201 -25.15 -0.58 11.01
C ALA A 201 -25.63 -0.24 9.61
N VAL A 202 -26.71 -0.88 9.15
CA VAL A 202 -27.22 -0.62 7.81
C VAL A 202 -27.73 0.81 7.71
N VAL A 203 -28.32 1.33 8.79
CA VAL A 203 -28.78 2.71 8.80
C VAL A 203 -27.61 3.66 8.62
N ILE A 204 -26.51 3.42 9.34
CA ILE A 204 -25.34 4.29 9.22
C ILE A 204 -24.74 4.19 7.83
N ILE A 205 -24.66 2.98 7.27
CA ILE A 205 -24.09 2.80 5.94
C ILE A 205 -24.92 3.54 4.90
N VAL A 206 -26.25 3.41 4.97
CA VAL A 206 -27.11 4.07 3.99
C VAL A 206 -27.03 5.58 4.14
N ARG A 207 -27.09 6.08 5.38
CA ARG A 207 -27.01 7.51 5.62
C ARG A 207 -25.56 7.99 5.66
N ALA A 208 -24.80 7.65 4.63
CA ALA A 208 -23.41 8.05 4.52
C ALA A 208 -23.13 8.57 3.12
N PRO A 209 -22.27 9.57 2.98
CA PRO A 209 -21.98 10.13 1.66
C PRO A 209 -21.31 9.10 0.75
N ARG A 210 -21.65 9.17 -0.53
CA ARG A 210 -21.04 8.29 -1.52
C ARG A 210 -19.63 8.76 -1.84
N CYS A 211 -18.87 7.88 -2.47
CA CYS A 211 -17.49 8.17 -2.85
C CYS A 211 -17.43 8.55 -4.32
N ARG A 212 -16.70 9.61 -4.62
CA ARG A 212 -16.64 10.14 -5.98
C ARG A 212 -15.94 9.17 -6.92
N GLU A 213 -16.25 9.27 -8.19
CA GLU A 213 -15.83 8.32 -9.20
C GLU A 213 -14.63 8.84 -9.98
N LEU A 214 -13.70 7.94 -10.31
CA LEU A 214 -12.50 8.33 -11.04
C LEU A 214 -12.86 8.73 -12.47
N PRO A 215 -12.13 9.69 -13.04
CA PRO A 215 -12.48 10.23 -14.37
C PRO A 215 -11.87 9.49 -15.55
N ALA A 216 -11.30 8.30 -15.36
CA ALA A 216 -10.75 7.48 -16.44
C ALA A 216 -9.69 8.24 -17.23
N GLN A 217 -8.59 8.51 -16.53
CA GLN A 217 -7.50 9.30 -17.10
C GLN A 217 -6.85 8.57 -18.27
N LYS A 218 -6.31 9.36 -19.20
CA LYS A 218 -5.57 8.84 -20.33
C LYS A 218 -4.10 8.67 -19.92
N TRP A 219 -3.23 8.39 -20.89
CA TRP A 219 -1.83 8.13 -20.56
C TRP A 219 -1.00 9.40 -20.41
N TRP A 220 -1.50 10.53 -20.90
CA TRP A 220 -0.78 11.80 -20.79
C TRP A 220 -1.28 12.68 -19.66
N HIS A 221 -2.32 12.25 -18.94
CA HIS A 221 -2.76 12.96 -17.75
C HIS A 221 -1.90 12.65 -16.53
N THR A 222 -1.14 11.56 -16.58
CA THR A 222 -0.50 11.00 -15.40
C THR A 222 0.95 11.45 -15.22
N GLY A 223 1.45 12.34 -16.07
CA GLY A 223 2.81 12.80 -15.89
C GLY A 223 3.19 13.80 -16.97
N ALA A 224 4.39 14.36 -16.80
CA ALA A 224 4.91 15.36 -17.71
C ALA A 224 5.36 14.71 -19.03
N LEU A 225 5.69 15.56 -19.99
CA LEU A 225 6.24 15.14 -21.26
C LEU A 225 7.64 15.74 -21.42
N TYR A 226 8.46 15.08 -22.22
CA TYR A 226 9.86 15.45 -22.39
C TYR A 226 10.16 15.66 -23.87
N ARG A 227 10.16 16.92 -24.30
CA ARG A 227 10.48 17.26 -25.68
C ARG A 227 11.99 17.19 -25.87
N ILE A 228 12.42 16.56 -26.95
CA ILE A 228 13.81 16.61 -27.40
C ILE A 228 13.82 17.14 -28.83
N GLY A 229 14.57 18.21 -29.04
CA GLY A 229 14.56 18.88 -30.34
C GLY A 229 15.54 18.31 -31.34
N ASP A 230 16.81 18.30 -30.97
CA ASP A 230 17.88 17.80 -31.85
C ASP A 230 18.42 16.50 -31.24
N LEU A 231 18.12 15.39 -31.90
CA LEU A 231 18.63 14.10 -31.44
C LEU A 231 20.15 14.05 -31.52
N GLN A 232 20.74 14.74 -32.50
CA GLN A 232 22.18 14.77 -32.61
C GLN A 232 22.82 15.45 -31.40
N ALA A 233 22.24 16.56 -30.94
CA ALA A 233 22.81 17.31 -29.83
C ALA A 233 22.42 16.74 -28.48
N PHE A 234 21.43 15.84 -28.41
CA PHE A 234 21.05 15.24 -27.13
C PHE A 234 22.21 14.41 -26.55
N GLN A 235 22.87 13.63 -27.40
CA GLN A 235 24.04 12.87 -26.97
C GLN A 235 25.35 13.56 -27.28
N GLY A 236 25.39 14.38 -28.34
CA GLY A 236 26.60 15.08 -28.71
C GLY A 236 27.38 14.38 -29.80
N HIS A 237 28.46 13.70 -29.42
CA HIS A 237 29.31 12.98 -30.35
C HIS A 237 29.17 11.47 -30.13
N GLY A 238 29.61 10.72 -31.13
CA GLY A 238 29.57 9.27 -31.06
C GLY A 238 28.22 8.70 -31.47
N ALA A 239 27.19 8.97 -30.67
CA ALA A 239 25.85 8.47 -30.93
C ALA A 239 24.96 9.64 -31.34
N GLY A 240 24.29 9.49 -32.49
CA GLY A 240 23.40 10.52 -32.98
C GLY A 240 22.17 9.97 -33.66
N ASN A 241 21.85 8.71 -33.40
CA ASN A 241 20.71 8.03 -34.00
C ASN A 241 19.80 7.49 -32.91
N LEU A 242 18.76 6.76 -33.33
CA LEU A 242 17.84 6.17 -32.38
C LEU A 242 18.51 5.10 -31.52
N ALA A 243 19.44 4.33 -32.11
CA ALA A 243 20.19 3.36 -31.33
C ALA A 243 21.00 4.02 -30.23
N GLY A 244 21.48 5.23 -30.48
CA GLY A 244 22.16 5.97 -29.41
C GLY A 244 21.23 6.34 -28.28
N LEU A 245 19.99 6.73 -28.60
CA LEU A 245 19.00 7.02 -27.58
C LEU A 245 18.61 5.79 -26.78
N LYS A 246 18.73 4.60 -27.37
CA LYS A 246 18.29 3.37 -26.71
C LYS A 246 18.94 3.19 -25.35
N GLY A 247 20.23 3.51 -25.25
CA GLY A 247 20.92 3.38 -23.97
C GLY A 247 20.60 4.45 -22.95
N ARG A 248 19.89 5.51 -23.35
CA ARG A 248 19.59 6.62 -22.46
C ARG A 248 18.15 6.61 -21.97
N LEU A 249 17.34 5.63 -22.37
CA LEU A 249 15.98 5.54 -21.88
C LEU A 249 15.96 5.26 -20.38
N ASP A 250 17.04 4.73 -19.83
CA ASP A 250 17.10 4.50 -18.38
C ASP A 250 17.04 5.82 -17.62
N TYR A 251 17.72 6.86 -18.12
CA TYR A 251 17.67 8.15 -17.47
C TYR A 251 16.27 8.75 -17.52
N LEU A 252 15.62 8.68 -18.68
CA LEU A 252 14.27 9.23 -18.81
C LEU A 252 13.29 8.50 -17.91
N SER A 253 13.41 7.18 -17.82
CA SER A 253 12.55 6.42 -16.91
C SER A 253 12.79 6.85 -15.46
N SER A 254 14.04 7.16 -15.11
CA SER A 254 14.33 7.67 -13.78
C SER A 254 13.64 9.00 -13.54
N LEU A 255 13.52 9.83 -14.58
CA LEU A 255 12.84 11.12 -14.46
C LEU A 255 11.34 10.99 -14.24
N LYS A 256 10.79 9.78 -14.39
CA LYS A 256 9.36 9.53 -14.23
C LYS A 256 8.51 10.36 -15.19
N VAL A 257 9.00 10.56 -16.41
CA VAL A 257 8.18 11.17 -17.45
C VAL A 257 7.27 10.12 -18.07
N LYS A 258 6.21 10.58 -18.72
CA LYS A 258 5.23 9.69 -19.32
C LYS A 258 5.17 9.80 -20.84
N GLY A 259 6.10 10.49 -21.47
CA GLY A 259 6.09 10.62 -22.92
C GLY A 259 7.39 11.16 -23.44
N LEU A 260 7.60 10.98 -24.74
CA LEU A 260 8.80 11.43 -25.43
C LEU A 260 8.40 12.04 -26.76
N VAL A 261 8.61 13.33 -26.91
CA VAL A 261 8.30 14.03 -28.15
C VAL A 261 9.60 14.04 -28.97
N LEU A 262 9.80 12.99 -29.76
CA LEU A 262 11.00 12.90 -30.56
C LEU A 262 11.04 14.01 -31.60
N GLY A 263 12.25 14.48 -31.88
CA GLY A 263 12.45 15.49 -32.88
C GLY A 263 12.19 14.94 -34.27
N PRO A 264 12.09 15.82 -35.26
CA PRO A 264 11.85 15.36 -36.63
C PRO A 264 12.95 14.43 -37.10
N ILE A 265 12.55 13.38 -37.82
CA ILE A 265 13.48 12.36 -38.29
C ILE A 265 13.37 12.08 -39.78
N HIS A 266 12.34 12.59 -40.45
CA HIS A 266 12.20 12.34 -41.87
C HIS A 266 13.24 13.12 -42.67
N LYS A 267 13.58 12.59 -43.84
CA LYS A 267 14.60 13.21 -44.70
C LYS A 267 14.05 14.50 -45.29
N ASN A 268 14.56 15.63 -44.79
CA ASN A 268 14.26 16.95 -45.33
C ASN A 268 15.57 17.57 -45.79
N GLN A 269 15.64 17.90 -47.08
CA GLN A 269 16.86 18.47 -47.65
C GLN A 269 16.83 20.00 -47.61
N LYS A 270 15.83 20.60 -48.24
CA LYS A 270 15.69 22.05 -48.27
C LYS A 270 14.23 22.38 -48.56
N ASP A 271 13.97 23.63 -48.94
CA ASP A 271 12.62 24.09 -49.21
C ASP A 271 11.99 23.45 -50.45
N ASP A 272 12.70 22.59 -51.15
CA ASP A 272 12.16 21.91 -52.33
C ASP A 272 11.21 20.81 -51.88
N VAL A 273 9.92 20.98 -52.17
CA VAL A 273 8.91 20.02 -51.72
C VAL A 273 8.81 18.80 -52.61
N ALA A 274 9.47 18.80 -53.76
CA ALA A 274 9.36 17.66 -54.68
C ALA A 274 9.94 16.40 -54.07
N GLN A 275 11.11 16.51 -53.43
CA GLN A 275 11.80 15.36 -52.85
C GLN A 275 11.71 15.34 -51.33
N THR A 276 10.90 16.20 -50.72
CA THR A 276 10.70 16.21 -49.28
C THR A 276 9.50 15.32 -48.96
N ASP A 277 9.77 14.17 -48.34
CA ASP A 277 8.75 13.18 -48.05
C ASP A 277 8.78 12.79 -46.58
N LEU A 278 7.62 12.40 -46.06
CA LEU A 278 7.42 12.14 -44.64
C LEU A 278 7.46 10.65 -44.28
N LEU A 279 7.51 9.76 -45.26
CA LEU A 279 7.31 8.34 -45.02
C LEU A 279 8.60 7.56 -44.85
N GLN A 280 9.76 8.21 -44.89
CA GLN A 280 11.03 7.56 -44.63
C GLN A 280 11.87 8.39 -43.67
N ILE A 281 12.69 7.71 -42.88
CA ILE A 281 13.50 8.35 -41.85
C ILE A 281 14.86 8.73 -42.44
N ASP A 282 15.45 9.79 -41.91
CA ASP A 282 16.76 10.23 -42.37
C ASP A 282 17.80 9.15 -42.09
N PRO A 283 18.72 8.90 -43.03
CA PRO A 283 19.78 7.91 -42.76
C PRO A 283 20.64 8.25 -41.56
N ASN A 284 20.85 9.54 -41.28
CA ASN A 284 21.64 9.94 -40.12
C ASN A 284 21.00 9.53 -38.80
N PHE A 285 19.68 9.39 -38.77
CA PHE A 285 18.96 9.01 -37.56
C PHE A 285 18.75 7.51 -37.45
N GLY A 286 19.17 6.73 -38.46
CA GLY A 286 18.99 5.30 -38.43
C GLY A 286 18.11 4.79 -39.55
N SER A 287 17.23 3.84 -39.24
CA SER A 287 16.34 3.25 -40.24
C SER A 287 15.09 2.74 -39.52
N LYS A 288 14.25 2.01 -40.25
CA LYS A 288 12.98 1.56 -39.71
C LYS A 288 13.18 0.57 -38.56
N GLU A 289 14.08 -0.40 -38.73
CA GLU A 289 14.28 -1.40 -37.69
C GLU A 289 14.89 -0.79 -36.44
N ASP A 290 15.69 0.26 -36.59
CA ASP A 290 16.18 0.98 -35.43
C ASP A 290 15.05 1.78 -34.77
N PHE A 291 14.17 2.37 -35.59
CA PHE A 291 13.05 3.14 -35.04
C PHE A 291 12.09 2.24 -34.27
N ASP A 292 11.62 1.17 -34.91
CA ASP A 292 10.60 0.33 -34.28
C ASP A 292 11.13 -0.33 -33.02
N SER A 293 12.38 -0.78 -33.03
CA SER A 293 12.95 -1.40 -31.84
C SER A 293 12.92 -0.44 -30.65
N LEU A 294 13.01 0.87 -30.92
CA LEU A 294 12.91 1.85 -29.86
C LEU A 294 11.52 1.83 -29.23
N LEU A 295 10.48 1.67 -30.05
CA LEU A 295 9.11 1.76 -29.54
C LEU A 295 8.81 0.66 -28.53
N GLN A 296 9.06 -0.61 -28.90
CA GLN A 296 8.73 -1.69 -27.98
C GLN A 296 9.63 -1.67 -26.74
N SER A 297 10.90 -1.29 -26.90
CA SER A 297 11.76 -1.11 -25.73
C SER A 297 11.24 -0.01 -24.84
N ALA A 298 10.73 1.08 -25.44
CA ALA A 298 10.09 2.13 -24.66
C ALA A 298 8.85 1.62 -23.94
N LYS A 299 8.06 0.77 -24.61
CA LYS A 299 6.87 0.21 -23.98
C LYS A 299 7.25 -0.62 -22.75
N LYS A 300 8.34 -1.39 -22.85
CA LYS A 300 8.82 -2.17 -21.71
C LYS A 300 9.15 -1.28 -20.51
N LYS A 301 9.46 0.00 -20.75
CA LYS A 301 9.69 0.96 -19.69
C LYS A 301 8.48 1.86 -19.46
N SER A 302 7.33 1.52 -20.05
CA SER A 302 6.11 2.33 -19.97
C SER A 302 6.37 3.78 -20.39
N ILE A 303 7.05 3.94 -21.52
CA ILE A 303 7.37 5.24 -22.07
C ILE A 303 6.73 5.34 -23.45
N ARG A 304 5.93 6.39 -23.66
CA ARG A 304 5.25 6.60 -24.93
C ARG A 304 6.06 7.52 -25.82
N VAL A 305 6.04 7.23 -27.13
CA VAL A 305 6.81 7.97 -28.12
C VAL A 305 5.85 8.78 -28.99
N ILE A 306 6.11 10.08 -29.09
CA ILE A 306 5.33 10.98 -29.94
C ILE A 306 6.27 11.50 -31.02
N LEU A 307 5.88 11.30 -32.28
CA LEU A 307 6.72 11.65 -33.41
C LEU A 307 6.35 13.04 -33.91
N ASP A 308 7.35 13.91 -34.04
CA ASP A 308 7.14 15.21 -34.66
C ASP A 308 7.26 15.10 -36.17
N LEU A 309 6.42 15.85 -36.88
CA LEU A 309 6.50 15.91 -38.34
C LEU A 309 6.12 17.31 -38.78
N THR A 310 7.16 18.10 -39.13
CA THR A 310 6.94 19.43 -39.73
C THR A 310 7.77 19.43 -41.01
N PRO A 311 7.17 19.52 -42.22
CA PRO A 311 7.93 19.34 -43.49
C PRO A 311 9.18 20.19 -43.74
N ASN A 312 9.29 21.37 -43.12
CA ASN A 312 10.45 22.25 -43.33
C ASN A 312 10.94 22.74 -41.97
N TYR A 313 12.05 22.15 -41.50
CA TYR A 313 12.67 22.59 -40.27
C TYR A 313 14.10 23.08 -40.45
N ARG A 314 14.73 22.80 -41.59
CA ARG A 314 16.07 23.30 -41.89
C ARG A 314 16.04 24.70 -42.48
N GLY A 315 14.85 25.24 -42.77
CA GLY A 315 14.72 26.56 -43.34
C GLY A 315 13.98 27.51 -42.40
N GLU A 316 13.85 28.75 -42.87
CA GLU A 316 13.19 29.79 -42.08
C GLU A 316 11.68 29.68 -42.07
N ASN A 317 11.09 28.96 -43.03
CA ASN A 317 9.65 28.78 -43.11
C ASN A 317 9.31 27.34 -42.73
N SER A 318 8.35 27.18 -41.82
CA SER A 318 8.00 25.86 -41.33
C SER A 318 7.10 25.08 -42.28
N TRP A 319 6.44 25.73 -43.23
CA TRP A 319 5.52 25.05 -44.12
C TRP A 319 5.71 25.47 -45.57
N PHE A 320 6.93 25.91 -45.93
CA PHE A 320 7.26 26.38 -47.27
C PHE A 320 6.46 27.62 -47.68
N SER A 321 6.89 28.28 -48.74
CA SER A 321 6.17 29.42 -49.29
C SER A 321 5.19 29.02 -50.39
N THR A 322 5.15 27.74 -50.77
CA THR A 322 4.26 27.26 -51.82
C THR A 322 2.87 26.99 -51.23
N GLN A 323 2.02 26.32 -52.02
CA GLN A 323 0.67 26.00 -51.57
C GLN A 323 0.72 24.95 -50.46
N VAL A 324 -0.47 24.65 -49.92
CA VAL A 324 -0.60 23.75 -48.79
C VAL A 324 -1.29 22.44 -49.15
N ASP A 325 -1.66 22.25 -50.42
CA ASP A 325 -2.38 21.04 -50.80
C ASP A 325 -1.49 19.82 -50.71
N THR A 326 -0.27 19.90 -51.25
CA THR A 326 0.57 18.72 -51.33
C THR A 326 1.14 18.33 -49.97
N VAL A 327 1.43 19.31 -49.11
CA VAL A 327 1.96 19.00 -47.79
C VAL A 327 0.89 18.36 -46.92
N ALA A 328 -0.36 18.83 -47.04
CA ALA A 328 -1.43 18.28 -46.22
C ALA A 328 -1.70 16.82 -46.58
N THR A 329 -1.75 16.50 -47.88
CA THR A 329 -2.08 15.14 -48.29
C THR A 329 -0.94 14.17 -47.97
N LYS A 330 0.31 14.62 -48.05
CA LYS A 330 1.42 13.76 -47.67
C LYS A 330 1.52 13.61 -46.16
N VAL A 331 1.10 14.62 -45.41
CA VAL A 331 1.02 14.48 -43.96
C VAL A 331 -0.07 13.50 -43.58
N LYS A 332 -1.22 13.57 -44.28
CA LYS A 332 -2.30 12.61 -44.03
C LYS A 332 -1.85 11.19 -44.30
N ASP A 333 -1.12 10.98 -45.39
CA ASP A 333 -0.57 9.66 -45.68
C ASP A 333 0.50 9.28 -44.66
N ALA A 334 1.21 10.28 -44.12
CA ALA A 334 2.24 9.98 -43.13
C ALA A 334 1.65 9.37 -41.88
N LEU A 335 0.54 9.92 -41.39
CA LEU A 335 -0.09 9.36 -40.19
C LEU A 335 -0.52 7.92 -40.41
N GLU A 336 -1.20 7.65 -41.53
CA GLU A 336 -1.64 6.29 -41.83
C GLU A 336 -0.47 5.31 -41.78
N PHE A 337 0.70 5.73 -42.26
CA PHE A 337 1.89 4.90 -42.11
C PHE A 337 2.34 4.83 -40.65
N TRP A 338 2.35 5.98 -39.95
CA TRP A 338 2.96 6.03 -38.63
C TRP A 338 2.08 5.42 -37.54
N LEU A 339 0.75 5.54 -37.64
CA LEU A 339 -0.10 4.80 -36.72
C LEU A 339 0.08 3.30 -36.89
N GLN A 340 0.20 2.84 -38.13
CA GLN A 340 0.52 1.43 -38.36
C GLN A 340 1.89 1.07 -37.81
N ALA A 341 2.84 2.02 -37.86
CA ALA A 341 4.15 1.78 -37.26
C ALA A 341 4.04 1.57 -35.76
N GLY A 342 3.23 2.39 -35.09
CA GLY A 342 2.98 2.19 -33.67
C GLY A 342 3.22 3.41 -32.80
N VAL A 343 3.40 4.57 -33.41
CA VAL A 343 3.63 5.79 -32.63
C VAL A 343 2.38 6.13 -31.83
N ASP A 344 2.59 6.75 -30.68
CA ASP A 344 1.51 7.03 -29.73
C ASP A 344 1.05 8.47 -29.76
N GLY A 345 1.34 9.19 -30.84
CA GLY A 345 0.91 10.57 -30.95
C GLY A 345 1.65 11.28 -32.06
N PHE A 346 1.32 12.56 -32.22
CA PHE A 346 1.97 13.41 -33.21
C PHE A 346 2.07 14.83 -32.68
N GLN A 347 2.96 15.60 -33.29
CA GLN A 347 3.15 17.01 -32.96
C GLN A 347 3.42 17.79 -34.23
N VAL A 348 2.82 18.98 -34.32
CA VAL A 348 3.09 19.92 -35.40
C VAL A 348 3.43 21.26 -34.78
N ARG A 349 4.50 21.88 -35.26
CA ARG A 349 4.99 23.13 -34.71
C ARG A 349 4.78 24.28 -35.69
N ASP A 350 4.64 25.48 -35.15
CA ASP A 350 4.50 26.70 -35.95
C ASP A 350 3.33 26.61 -36.93
N ILE A 351 2.14 26.34 -36.36
CA ILE A 351 0.94 26.25 -37.18
C ILE A 351 0.41 27.62 -37.59
N GLU A 352 0.94 28.70 -37.01
CA GLU A 352 0.56 30.04 -37.45
C GLU A 352 1.02 30.35 -38.86
N ASN A 353 1.96 29.58 -39.40
CA ASN A 353 2.39 29.69 -40.78
C ASN A 353 1.57 28.83 -41.72
N LEU A 354 0.56 28.13 -41.21
CA LEU A 354 -0.33 27.31 -42.02
C LEU A 354 -1.65 28.03 -42.21
N LYS A 355 -2.07 28.16 -43.47
CA LYS A 355 -3.28 28.91 -43.79
C LYS A 355 -4.51 28.20 -43.26
N ASP A 356 -5.34 28.92 -42.49
CA ASP A 356 -6.58 28.40 -41.92
C ASP A 356 -6.32 27.09 -41.16
N ALA A 357 -5.51 27.20 -40.12
CA ALA A 357 -5.04 26.02 -39.39
C ALA A 357 -6.17 25.30 -38.66
N SER A 358 -7.28 25.98 -38.37
CA SER A 358 -8.35 25.36 -37.61
C SER A 358 -8.94 24.16 -38.34
N SER A 359 -9.13 24.28 -39.66
CA SER A 359 -9.76 23.20 -40.42
C SER A 359 -8.85 21.98 -40.50
N PHE A 360 -7.57 22.18 -40.81
CA PHE A 360 -6.65 21.05 -40.93
C PHE A 360 -6.46 20.34 -39.61
N LEU A 361 -6.39 21.10 -38.51
CA LEU A 361 -6.24 20.49 -37.19
C LEU A 361 -7.44 19.62 -36.85
N ALA A 362 -8.64 20.04 -37.28
CA ALA A 362 -9.83 19.23 -37.07
C ALA A 362 -9.72 17.90 -37.81
N GLU A 363 -9.23 17.95 -39.05
CA GLU A 363 -9.08 16.72 -39.83
C GLU A 363 -8.02 15.81 -39.22
N TRP A 364 -6.88 16.38 -38.81
CA TRP A 364 -5.82 15.56 -38.22
C TRP A 364 -6.27 14.94 -36.90
N GLN A 365 -6.96 15.72 -36.07
CA GLN A 365 -7.51 15.17 -34.84
C GLN A 365 -8.54 14.10 -35.15
N ASN A 366 -9.33 14.31 -36.20
CA ASN A 366 -10.33 13.32 -36.61
C ASN A 366 -9.67 12.00 -37.01
N ILE A 367 -8.63 12.06 -37.84
CA ILE A 367 -8.00 10.84 -38.34
C ILE A 367 -7.21 10.15 -37.24
N THR A 368 -6.46 10.91 -36.45
CA THR A 368 -5.63 10.30 -35.42
C THR A 368 -6.47 9.62 -34.35
N LYS A 369 -7.56 10.26 -33.93
CA LYS A 369 -8.45 9.64 -32.94
C LYS A 369 -9.26 8.52 -33.54
N GLY A 370 -9.36 8.44 -34.88
CA GLY A 370 -10.05 7.33 -35.50
C GLY A 370 -9.33 6.01 -35.31
N PHE A 371 -8.00 6.02 -35.39
CA PHE A 371 -7.24 4.79 -35.20
C PHE A 371 -7.39 4.26 -33.79
N SER A 372 -7.33 5.13 -32.79
CA SER A 372 -7.47 4.72 -31.40
C SER A 372 -7.83 5.93 -30.56
N GLU A 373 -8.28 5.67 -29.34
CA GLU A 373 -8.67 6.72 -28.41
C GLU A 373 -7.53 7.24 -27.55
N ASP A 374 -6.40 6.54 -27.51
CA ASP A 374 -5.27 6.93 -26.67
C ASP A 374 -4.23 7.77 -27.42
N ARG A 375 -4.48 8.10 -28.69
CA ARG A 375 -3.52 8.86 -29.47
C ARG A 375 -3.56 10.34 -29.09
N LEU A 376 -2.51 11.06 -29.48
CA LEU A 376 -2.35 12.46 -29.15
C LEU A 376 -1.94 13.27 -30.36
N LEU A 377 -2.35 14.53 -30.37
CA LEU A 377 -1.89 15.52 -31.33
C LEU A 377 -1.61 16.81 -30.58
N ILE A 378 -0.42 17.38 -30.80
CA ILE A 378 0.01 18.60 -30.13
C ILE A 378 0.30 19.66 -31.19
N ALA A 379 -0.06 20.90 -30.90
CA ALA A 379 0.20 22.01 -31.80
C ALA A 379 0.98 23.08 -31.06
N GLY A 380 1.84 23.79 -31.77
CA GLY A 380 2.68 24.83 -31.20
C GLY A 380 2.45 26.16 -31.89
N THR A 381 2.44 27.23 -31.10
CA THR A 381 2.29 28.58 -31.62
C THR A 381 3.20 29.51 -30.84
N ASN A 382 3.63 30.58 -31.49
CA ASN A 382 4.43 31.61 -30.85
C ASN A 382 3.60 32.78 -30.32
N SER A 383 2.30 32.80 -30.61
CA SER A 383 1.44 33.89 -30.15
C SER A 383 1.14 33.76 -28.67
N SER A 384 1.05 34.91 -27.99
CA SER A 384 0.70 34.95 -26.58
C SER A 384 -0.64 35.61 -26.32
N ASP A 385 -1.32 36.10 -27.35
CA ASP A 385 -2.63 36.70 -27.16
C ASP A 385 -3.67 35.64 -26.85
N LEU A 386 -4.51 35.90 -25.84
CA LEU A 386 -5.51 34.93 -25.43
C LEU A 386 -6.54 34.68 -26.53
N GLN A 387 -6.98 35.74 -27.21
CA GLN A 387 -7.99 35.57 -28.25
C GLN A 387 -7.48 34.71 -29.40
N GLN A 388 -6.22 34.92 -29.80
CA GLN A 388 -5.65 34.11 -30.86
C GLN A 388 -5.55 32.65 -30.44
N ILE A 389 -5.17 32.41 -29.18
CA ILE A 389 -5.00 31.03 -28.69
C ILE A 389 -6.35 30.30 -28.70
N LEU A 390 -7.40 30.98 -28.21
CA LEU A 390 -8.71 30.34 -28.11
C LEU A 390 -9.36 30.12 -29.47
N SER A 391 -8.80 30.74 -30.52
CA SER A 391 -9.37 30.62 -31.88
C SER A 391 -9.22 29.18 -32.40
N LEU A 392 -8.09 28.53 -32.08
CA LEU A 392 -7.84 27.17 -32.53
C LEU A 392 -8.62 26.13 -31.73
N LEU A 393 -9.06 26.47 -30.53
CA LEU A 393 -9.72 25.50 -29.65
C LEU A 393 -11.24 25.54 -29.76
N GLU A 394 -11.80 26.34 -30.66
CA GLU A 394 -13.25 26.37 -30.81
C GLU A 394 -13.81 25.12 -31.46
N SER A 395 -13.03 24.46 -32.31
CA SER A 395 -13.48 23.27 -33.01
C SER A 395 -12.84 21.98 -32.51
N ASN A 396 -11.93 22.05 -31.54
CA ASN A 396 -11.26 20.89 -31.01
C ASN A 396 -11.35 20.89 -29.49
N LYS A 397 -11.56 19.72 -28.91
CA LYS A 397 -11.71 19.57 -27.46
C LYS A 397 -10.58 18.81 -26.81
N ASP A 398 -9.95 17.88 -27.52
CA ASP A 398 -8.83 17.10 -27.00
C ASP A 398 -7.50 17.55 -27.57
N LEU A 399 -7.34 18.85 -27.79
CA LEU A 399 -6.14 19.41 -28.40
C LEU A 399 -5.22 19.96 -27.31
N LEU A 400 -3.97 19.50 -27.32
CA LEU A 400 -2.94 20.06 -26.46
C LEU A 400 -2.25 21.19 -27.22
N LEU A 401 -2.38 22.41 -26.71
CA LEU A 401 -1.79 23.59 -27.34
C LEU A 401 -0.67 24.11 -26.45
N THR A 402 0.56 24.08 -26.97
CA THR A 402 1.71 24.64 -26.30
C THR A 402 2.07 25.96 -26.98
N SER A 403 2.15 27.03 -26.20
CA SER A 403 2.37 28.36 -26.74
C SER A 403 3.13 29.20 -25.72
N SER A 404 3.47 30.42 -26.13
CA SER A 404 4.23 31.35 -25.30
C SER A 404 3.35 32.18 -24.38
N TYR A 405 2.15 31.68 -24.05
CA TYR A 405 1.22 32.46 -23.24
C TYR A 405 1.79 32.73 -21.85
N LEU A 406 2.35 31.71 -21.20
CA LEU A 406 2.90 31.91 -19.87
C LEU A 406 4.20 32.69 -19.87
N SER A 407 4.90 32.75 -21.01
CA SER A 407 6.16 33.47 -21.11
C SER A 407 5.87 34.96 -21.29
N ASP A 408 6.91 35.72 -21.65
CA ASP A 408 6.83 37.17 -21.85
C ASP A 408 6.41 37.89 -20.57
N SER A 409 6.53 37.22 -19.42
CA SER A 409 6.15 37.78 -18.14
C SER A 409 6.64 36.83 -17.06
N GLY A 410 6.43 37.23 -15.80
CA GLY A 410 6.84 36.41 -14.68
C GLY A 410 7.63 37.18 -13.65
N SER A 411 7.87 38.46 -13.91
CA SER A 411 8.59 39.30 -12.97
C SER A 411 7.78 39.56 -11.70
N THR A 412 6.47 39.42 -11.76
CA THR A 412 5.60 39.59 -10.61
C THR A 412 4.62 38.43 -10.55
N GLY A 413 4.32 37.98 -9.32
CA GLY A 413 3.40 36.87 -9.16
C GLY A 413 1.96 37.21 -9.49
N GLU A 414 1.60 38.50 -9.39
CA GLU A 414 0.24 38.90 -9.72
C GLU A 414 -0.06 38.69 -11.19
N HIS A 415 0.91 38.99 -12.06
CA HIS A 415 0.69 38.81 -13.49
C HIS A 415 0.49 37.35 -13.84
N THR A 416 1.29 36.46 -13.26
CA THR A 416 1.10 35.03 -13.49
C THR A 416 -0.24 34.55 -12.94
N LYS A 417 -0.64 35.07 -11.79
CA LYS A 417 -1.94 34.72 -11.22
C LYS A 417 -3.07 35.15 -12.14
N SER A 418 -2.96 36.36 -12.70
CA SER A 418 -3.97 36.81 -13.66
C SER A 418 -3.94 35.96 -14.93
N LEU A 419 -2.75 35.60 -15.40
CA LEU A 419 -2.63 34.84 -16.64
C LEU A 419 -3.22 33.45 -16.49
N VAL A 420 -2.91 32.77 -15.38
CA VAL A 420 -3.39 31.41 -15.17
C VAL A 420 -4.90 31.40 -14.94
N THR A 421 -5.38 32.29 -14.08
CA THR A 421 -6.80 32.30 -13.75
C THR A 421 -7.64 32.67 -14.96
N GLN A 422 -7.24 33.69 -15.70
CA GLN A 422 -8.03 34.14 -16.85
C GLN A 422 -8.03 33.09 -17.96
N TYR A 423 -7.01 32.24 -18.00
CA TYR A 423 -6.95 31.21 -19.03
C TYR A 423 -7.92 30.08 -18.74
N LEU A 424 -8.02 29.67 -17.47
CA LEU A 424 -8.78 28.48 -17.14
C LEU A 424 -10.28 28.70 -17.25
N ASN A 425 -10.78 29.84 -16.76
CA ASN A 425 -12.22 30.12 -16.86
C ASN A 425 -12.61 30.40 -18.30
N ALA A 426 -11.70 30.96 -19.09
CA ALA A 426 -11.98 31.20 -20.50
C ALA A 426 -12.21 29.90 -21.25
N THR A 427 -11.40 28.88 -20.96
CA THR A 427 -11.56 27.59 -21.61
C THR A 427 -12.52 26.66 -20.89
N GLY A 428 -13.06 27.08 -19.75
CA GLY A 428 -14.00 26.25 -19.04
C GLY A 428 -13.39 25.10 -18.26
N ASN A 429 -12.17 25.27 -17.75
CA ASN A 429 -11.50 24.26 -16.93
C ASN A 429 -11.36 22.93 -17.67
N ARG A 430 -10.98 23.00 -18.95
CA ARG A 430 -10.66 21.80 -19.71
C ARG A 430 -9.26 21.33 -19.34
N TRP A 431 -8.80 20.28 -20.03
CA TRP A 431 -7.42 19.83 -19.86
C TRP A 431 -6.51 20.60 -20.79
N CYS A 432 -5.45 21.18 -20.22
CA CYS A 432 -4.54 22.04 -20.96
C CYS A 432 -3.11 21.54 -20.75
N SER A 433 -2.17 22.18 -21.45
CA SER A 433 -0.75 21.87 -21.34
C SER A 433 -0.01 23.14 -20.96
N TRP A 434 0.86 23.05 -19.97
CA TRP A 434 1.59 24.20 -19.46
C TRP A 434 3.03 24.13 -19.95
N SER A 435 3.46 25.17 -20.64
CA SER A 435 4.82 25.24 -21.16
C SER A 435 5.14 26.68 -21.52
N LEU A 436 6.38 27.10 -21.24
CA LEU A 436 6.77 28.47 -21.53
C LEU A 436 7.04 28.72 -23.00
N SER A 437 7.27 27.67 -23.79
CA SER A 437 7.53 27.86 -25.21
C SER A 437 7.26 26.56 -25.94
N GLN A 438 7.15 26.66 -27.26
CA GLN A 438 6.86 25.48 -28.08
C GLN A 438 8.07 24.56 -28.18
N ALA A 439 9.26 25.15 -28.38
CA ALA A 439 10.46 24.32 -28.57
C ALA A 439 11.71 24.89 -27.90
N ARG A 440 11.59 25.77 -26.92
CA ARG A 440 12.75 26.37 -26.28
C ARG A 440 12.67 26.24 -24.76
N LEU A 441 13.85 26.26 -24.14
CA LEU A 441 14.00 25.96 -22.73
C LEU A 441 13.52 27.12 -21.87
N LEU A 442 13.45 26.88 -20.56
CA LEU A 442 12.99 27.91 -19.63
C LEU A 442 14.03 29.01 -19.44
N THR A 443 15.32 28.69 -19.59
CA THR A 443 16.36 29.67 -19.34
C THR A 443 16.33 30.83 -20.32
N SER A 444 15.76 30.64 -21.51
CA SER A 444 15.66 31.72 -22.48
C SER A 444 14.66 32.79 -22.05
N PHE A 445 13.85 32.54 -21.03
CA PHE A 445 12.84 33.50 -20.59
C PHE A 445 12.98 33.89 -19.12
N LEU A 446 13.78 33.18 -18.34
CA LEU A 446 13.84 33.42 -16.90
C LEU A 446 15.28 33.58 -16.45
N PRO A 447 15.52 34.33 -15.38
CA PRO A 447 16.85 34.35 -14.77
C PRO A 447 17.17 33.03 -14.10
N ALA A 448 18.44 32.84 -13.78
CA ALA A 448 18.90 31.58 -13.23
C ALA A 448 18.34 31.29 -11.85
N GLN A 449 17.77 32.28 -11.17
CA GLN A 449 17.26 32.08 -9.82
C GLN A 449 15.81 31.62 -9.77
N LEU A 450 15.11 31.59 -10.92
CA LEU A 450 13.69 31.26 -10.94
C LEU A 450 13.39 29.89 -11.53
N LEU A 451 14.40 29.14 -11.97
CA LEU A 451 14.13 27.82 -12.54
C LEU A 451 13.55 26.88 -11.49
N ARG A 452 14.03 26.99 -10.24
CA ARG A 452 13.50 26.14 -9.17
C ARG A 452 12.04 26.47 -8.87
N LEU A 453 11.69 27.77 -8.90
CA LEU A 453 10.33 28.16 -8.58
C LEU A 453 9.36 27.76 -9.68
N TYR A 454 9.74 27.97 -10.95
CA TYR A 454 8.85 27.66 -12.05
C TYR A 454 8.60 26.16 -12.17
N GLN A 455 9.64 25.35 -11.98
CA GLN A 455 9.46 23.91 -12.02
C GLN A 455 8.53 23.42 -10.93
N LEU A 456 8.37 24.18 -9.85
CA LEU A 456 7.37 23.85 -8.83
C LEU A 456 5.97 24.23 -9.29
N MET A 457 5.83 25.33 -10.03
CA MET A 457 4.52 25.76 -10.48
C MET A 457 3.94 24.80 -11.52
N LEU A 458 4.75 24.44 -12.51
CA LEU A 458 4.25 23.63 -13.62
C LEU A 458 3.90 22.20 -13.20
N PHE A 459 4.43 21.73 -12.09
CA PHE A 459 4.19 20.36 -11.66
C PHE A 459 3.01 20.22 -10.71
N THR A 460 2.33 21.32 -10.38
CA THR A 460 1.12 21.27 -9.57
C THR A 460 -0.08 21.96 -10.20
N LEU A 461 0.11 22.68 -11.31
CA LEU A 461 -1.02 23.28 -12.00
C LEU A 461 -1.84 22.20 -12.70
N PRO A 462 -3.15 22.41 -12.87
CA PRO A 462 -4.00 21.36 -13.43
C PRO A 462 -3.83 21.17 -14.92
N GLY A 463 -2.84 20.38 -15.33
CA GLY A 463 -2.63 20.14 -16.74
C GLY A 463 -1.55 19.11 -16.96
N THR A 464 -0.99 19.14 -18.17
CA THR A 464 0.13 18.26 -18.53
C THR A 464 1.37 19.13 -18.78
N PRO A 465 2.29 19.24 -17.83
CA PRO A 465 3.48 20.06 -18.07
C PRO A 465 4.34 19.48 -19.17
N VAL A 466 4.92 20.36 -19.98
CA VAL A 466 5.76 19.97 -21.11
C VAL A 466 7.11 20.64 -20.95
N PHE A 467 8.17 19.83 -20.88
CA PHE A 467 9.53 20.32 -20.69
C PHE A 467 10.39 19.91 -21.87
N SER A 468 11.34 20.78 -22.22
CA SER A 468 12.35 20.45 -23.20
C SER A 468 13.52 19.73 -22.53
N TYR A 469 14.37 19.13 -23.35
CA TYR A 469 15.51 18.40 -22.80
C TYR A 469 16.51 19.35 -22.17
N GLY A 470 17.03 18.94 -21.02
CA GLY A 470 17.97 19.76 -20.29
C GLY A 470 17.35 20.73 -19.29
N ASP A 471 16.03 20.76 -19.19
CA ASP A 471 15.39 21.68 -18.26
C ASP A 471 15.43 21.18 -16.82
N GLU A 472 15.71 19.90 -16.60
CA GLU A 472 15.80 19.39 -15.24
C GLU A 472 17.15 19.69 -14.60
N ILE A 473 18.18 19.92 -15.41
CA ILE A 473 19.51 20.27 -14.90
C ILE A 473 19.78 21.76 -15.00
N GLY A 474 18.80 22.56 -15.43
CA GLY A 474 19.00 23.98 -15.62
C GLY A 474 19.99 24.30 -16.73
N LEU A 475 20.02 23.49 -17.79
CA LEU A 475 20.95 23.71 -18.89
C LEU A 475 20.67 25.06 -19.54
N ASP A 476 21.72 25.85 -19.74
CA ASP A 476 21.60 27.17 -20.32
C ASP A 476 22.72 27.38 -21.32
N ALA A 477 22.36 27.93 -22.49
CA ALA A 477 23.36 28.28 -23.50
C ALA A 477 23.98 29.65 -23.25
N ALA A 478 23.41 30.44 -22.35
CA ALA A 478 23.98 31.75 -22.02
C ALA A 478 25.16 31.67 -21.07
N ALA A 479 25.34 30.56 -20.38
CA ALA A 479 26.47 30.36 -19.48
C ALA A 479 27.68 29.73 -20.17
N LEU A 480 27.50 29.21 -21.39
CA LEU A 480 28.59 28.62 -22.15
C LEU A 480 28.69 29.31 -23.49
N PRO A 481 29.81 29.96 -23.82
CA PRO A 481 29.92 30.65 -25.10
C PRO A 481 29.93 29.69 -26.28
N GLY A 482 29.51 30.20 -27.42
CA GLY A 482 29.51 29.41 -28.65
C GLY A 482 28.53 28.26 -28.66
N GLN A 483 27.30 28.47 -28.18
CA GLN A 483 26.27 27.45 -28.18
C GLN A 483 25.06 27.95 -28.94
N PRO A 484 24.63 27.28 -30.01
CA PRO A 484 23.42 27.71 -30.71
C PRO A 484 22.20 27.66 -29.80
N MET A 485 21.31 28.65 -29.98
CA MET A 485 20.12 28.72 -29.16
C MET A 485 19.11 27.63 -29.49
N GLU A 486 19.12 27.12 -30.72
CA GLU A 486 18.13 26.15 -31.16
C GLU A 486 18.56 24.70 -30.95
N ALA A 487 19.78 24.45 -30.50
CA ALA A 487 20.22 23.09 -30.28
C ALA A 487 21.41 23.03 -29.32
N PRO A 488 21.21 23.31 -28.03
CA PRO A 488 22.30 23.13 -27.06
C PRO A 488 22.63 21.66 -26.87
N VAL A 489 23.88 21.40 -26.52
CA VAL A 489 24.33 20.03 -26.30
C VAL A 489 24.15 19.67 -24.83
N MET A 490 23.49 18.54 -24.59
CA MET A 490 23.28 18.08 -23.22
C MET A 490 24.62 17.78 -22.56
N LEU A 491 24.73 18.14 -21.28
CA LEU A 491 25.98 18.01 -20.53
C LEU A 491 25.92 16.74 -19.68
N TRP A 492 26.34 15.62 -20.27
CA TRP A 492 26.45 14.39 -19.49
C TRP A 492 27.55 14.52 -18.43
N ASP A 493 28.73 15.01 -18.84
CA ASP A 493 29.85 15.21 -17.93
C ASP A 493 30.55 16.51 -18.32
N GLU A 494 31.73 16.73 -17.76
CA GLU A 494 32.51 17.93 -18.05
C GLU A 494 33.30 17.83 -19.34
N SER A 495 33.32 16.65 -19.98
CA SER A 495 34.02 16.45 -21.24
C SER A 495 33.10 16.48 -22.44
N SER A 496 31.82 16.78 -22.24
CA SER A 496 30.86 16.77 -23.35
C SER A 496 30.98 18.00 -24.25
N PHE A 497 31.65 19.06 -23.79
CA PHE A 497 31.82 20.28 -24.58
C PHE A 497 33.29 20.49 -24.87
N PRO A 498 33.79 20.06 -26.02
CA PRO A 498 35.23 20.25 -26.33
C PRO A 498 35.65 21.70 -26.37
N ASP A 499 34.77 22.60 -26.81
CA ASP A 499 35.12 24.01 -26.85
C ASP A 499 35.22 24.59 -25.44
N ILE A 500 36.17 25.52 -25.28
CA ILE A 500 36.52 26.17 -24.01
C ILE A 500 36.39 25.20 -22.84
N PRO A 501 37.23 24.15 -22.79
CA PRO A 501 37.14 23.20 -21.68
C PRO A 501 37.59 23.82 -20.37
N GLY A 502 37.10 23.26 -19.28
CA GLY A 502 37.43 23.71 -17.95
C GLY A 502 36.44 24.68 -17.34
N ALA A 503 35.50 25.19 -18.12
CA ALA A 503 34.48 26.10 -17.60
C ALA A 503 33.26 25.38 -17.05
N VAL A 504 33.17 24.07 -17.23
CA VAL A 504 32.04 23.29 -16.73
C VAL A 504 32.31 22.94 -15.27
N SER A 505 31.38 23.32 -14.39
CA SER A 505 31.54 23.11 -12.97
C SER A 505 30.93 21.77 -12.56
N ALA A 506 30.90 21.52 -11.25
CA ALA A 506 30.38 20.28 -10.71
C ALA A 506 28.86 20.21 -10.71
N ASN A 507 28.17 21.34 -10.74
CA ASN A 507 26.72 21.35 -10.74
C ASN A 507 26.11 21.62 -12.11
N MET A 508 26.90 21.53 -13.18
CA MET A 508 26.40 21.67 -14.54
C MET A 508 26.37 20.33 -15.27
N THR A 509 26.38 19.22 -14.54
CA THR A 509 26.40 17.89 -15.12
C THR A 509 25.30 17.04 -14.50
N VAL A 510 24.80 16.08 -15.28
CA VAL A 510 23.76 15.18 -14.78
C VAL A 510 24.32 14.29 -13.67
N LYS A 511 25.54 13.78 -13.84
CA LYS A 511 26.15 12.95 -12.82
C LYS A 511 26.58 13.75 -11.60
N GLY A 512 26.78 15.06 -11.75
CA GLY A 512 27.13 15.92 -10.64
C GLY A 512 25.96 16.40 -9.81
N GLN A 513 24.74 15.96 -10.13
CA GLN A 513 23.56 16.38 -9.40
C GLN A 513 22.71 15.23 -8.90
N SER A 514 23.01 13.99 -9.30
CA SER A 514 22.23 12.84 -8.89
C SER A 514 22.58 12.35 -7.48
N GLU A 515 23.67 12.85 -6.89
CA GLU A 515 24.03 12.49 -5.53
C GLU A 515 23.89 13.64 -4.54
N ASP A 516 23.60 14.86 -5.00
CA ASP A 516 23.42 16.00 -4.12
C ASP A 516 21.94 16.27 -3.97
N PRO A 517 21.34 16.06 -2.80
CA PRO A 517 19.91 16.34 -2.65
C PRO A 517 19.63 17.82 -2.45
N GLY A 518 20.24 18.66 -3.29
CA GLY A 518 20.00 20.09 -3.24
C GLY A 518 20.07 20.73 -4.62
N SER A 519 20.13 19.90 -5.66
CA SER A 519 20.26 20.36 -7.03
C SER A 519 18.91 20.33 -7.74
N LEU A 520 18.90 20.88 -8.96
CA LEU A 520 17.66 20.94 -9.74
C LEU A 520 17.15 19.55 -10.08
N LEU A 521 18.05 18.65 -10.48
CA LEU A 521 17.64 17.32 -10.90
C LEU A 521 16.98 16.56 -9.75
N SER A 522 17.50 16.73 -8.53
CA SER A 522 16.87 16.11 -7.38
C SER A 522 15.49 16.70 -7.13
N LEU A 523 15.35 18.01 -7.27
CA LEU A 523 14.04 18.65 -7.12
C LEU A 523 13.07 18.19 -8.21
N PHE A 524 13.57 18.04 -9.44
CA PHE A 524 12.73 17.58 -10.54
C PHE A 524 12.21 16.18 -10.28
N ARG A 525 13.07 15.28 -9.77
CA ARG A 525 12.65 13.91 -9.56
C ARG A 525 11.69 13.78 -8.38
N ARG A 526 11.92 14.56 -7.33
CA ARG A 526 11.00 14.55 -6.19
C ARG A 526 9.62 15.08 -6.58
N LEU A 527 9.59 16.16 -7.37
CA LEU A 527 8.31 16.69 -7.83
C LEU A 527 7.64 15.74 -8.80
N SER A 528 8.41 15.11 -9.69
CA SER A 528 7.83 14.21 -10.67
C SER A 528 7.17 13.01 -10.00
N ASP A 529 7.79 12.48 -8.95
CA ASP A 529 7.21 11.36 -8.22
C ASP A 529 5.89 11.76 -7.57
N GLN A 530 5.83 12.96 -6.98
CA GLN A 530 4.61 13.40 -6.32
C GLN A 530 3.47 13.59 -7.31
N ARG A 531 3.78 14.11 -8.50
CA ARG A 531 2.74 14.38 -9.48
C ARG A 531 2.05 13.09 -9.93
N SER A 532 2.82 12.03 -10.15
CA SER A 532 2.28 10.78 -10.68
C SER A 532 1.89 9.79 -9.58
N LYS A 533 1.75 10.26 -8.34
CA LYS A 533 1.40 9.40 -7.22
C LYS A 533 0.07 9.76 -6.60
N GLU A 534 -0.13 11.03 -6.24
CA GLU A 534 -1.33 11.45 -5.52
C GLU A 534 -2.49 11.72 -6.46
N ARG A 535 -3.69 11.39 -6.01
CA ARG A 535 -4.88 11.63 -6.83
C ARG A 535 -5.20 13.12 -6.95
N SER A 536 -4.87 13.91 -5.92
CA SER A 536 -5.16 15.34 -5.98
C SER A 536 -4.39 16.02 -7.11
N LEU A 537 -3.11 15.69 -7.26
CA LEU A 537 -2.33 16.28 -8.33
C LEU A 537 -2.75 15.75 -9.70
N LEU A 538 -3.13 14.48 -9.76
CA LEU A 538 -3.47 13.87 -11.06
C LEU A 538 -4.75 14.46 -11.63
N HIS A 539 -5.86 14.35 -10.90
CA HIS A 539 -7.15 14.78 -11.42
C HIS A 539 -7.95 15.57 -10.39
N GLY A 540 -7.27 16.36 -9.55
CA GLY A 540 -7.96 17.11 -8.54
C GLY A 540 -8.36 18.51 -8.99
N ASP A 541 -9.36 19.05 -8.34
CA ASP A 541 -9.81 20.41 -8.62
C ASP A 541 -8.75 21.40 -8.17
N PHE A 542 -8.68 22.54 -8.86
CA PHE A 542 -7.72 23.58 -8.57
C PHE A 542 -8.48 24.86 -8.22
N HIS A 543 -8.15 25.42 -7.06
CA HIS A 543 -8.80 26.64 -6.58
C HIS A 543 -7.75 27.59 -6.05
N ALA A 544 -7.76 28.82 -6.53
CA ALA A 544 -6.81 29.84 -6.10
C ALA A 544 -7.53 30.92 -5.31
N PHE A 545 -6.87 31.42 -4.28
CA PHE A 545 -7.45 32.43 -3.41
C PHE A 545 -6.52 33.64 -3.34
N SER A 546 -7.08 34.75 -2.85
CA SER A 546 -6.31 35.98 -2.73
C SER A 546 -5.20 35.83 -1.69
N ALA A 547 -4.13 36.59 -1.89
CA ALA A 547 -2.98 36.56 -1.00
C ALA A 547 -2.37 37.96 -0.96
N GLY A 548 -1.15 38.06 -0.44
CA GLY A 548 -0.47 39.32 -0.38
C GLY A 548 0.05 39.74 -1.74
N PRO A 549 0.68 40.92 -1.78
CA PRO A 549 1.23 41.41 -3.06
C PRO A 549 2.33 40.51 -3.56
N GLY A 550 2.22 40.11 -4.83
CA GLY A 550 3.21 39.24 -5.43
C GLY A 550 3.19 37.82 -4.92
N LEU A 551 2.07 37.38 -4.34
CA LEU A 551 1.95 36.02 -3.79
C LEU A 551 0.89 35.26 -4.58
N PHE A 552 1.26 34.06 -5.03
CA PHE A 552 0.36 33.19 -5.78
C PHE A 552 0.19 31.90 -4.99
N SER A 553 -1.04 31.62 -4.57
CA SER A 553 -1.33 30.46 -3.74
C SER A 553 -2.58 29.76 -4.25
N TYR A 554 -2.60 28.44 -4.14
CA TYR A 554 -3.76 27.66 -4.59
C TYR A 554 -3.72 26.29 -3.92
N ILE A 555 -4.85 25.61 -3.97
CA ILE A 555 -5.05 24.33 -3.30
C ILE A 555 -5.54 23.31 -4.31
N ARG A 556 -5.01 22.08 -4.22
CA ARG A 556 -5.45 20.97 -5.05
C ARG A 556 -6.12 19.92 -4.17
N HIS A 557 -7.33 19.50 -4.56
CA HIS A 557 -8.10 18.53 -3.78
C HIS A 557 -9.06 17.83 -4.71
N TRP A 558 -9.06 16.49 -4.69
CA TRP A 558 -9.87 15.74 -5.67
C TRP A 558 -11.25 15.39 -5.11
N ASP A 559 -11.31 14.48 -4.15
CA ASP A 559 -12.57 14.25 -3.43
C ASP A 559 -12.37 14.32 -1.93
N GLN A 560 -11.49 13.46 -1.42
CA GLN A 560 -11.17 13.39 -0.01
C GLN A 560 -9.71 13.10 0.26
N ASN A 561 -8.88 13.03 -0.78
CA ASN A 561 -7.49 12.61 -0.61
C ASN A 561 -6.67 13.72 0.05
N GLU A 562 -5.37 13.47 0.17
CA GLU A 562 -4.47 14.39 0.83
C GLU A 562 -4.45 15.72 0.06
N ARG A 563 -5.01 16.76 0.67
CA ARG A 563 -4.98 18.08 0.06
C ARG A 563 -3.57 18.62 0.01
N PHE A 564 -3.27 19.36 -1.05
CA PHE A 564 -1.98 20.03 -1.21
C PHE A 564 -2.17 21.53 -1.21
N LEU A 565 -1.17 22.25 -0.70
CA LEU A 565 -1.18 23.70 -0.67
C LEU A 565 0.16 24.20 -1.18
N VAL A 566 0.13 25.00 -2.24
CA VAL A 566 1.33 25.55 -2.85
C VAL A 566 1.27 27.07 -2.73
N VAL A 567 2.35 27.67 -2.22
CA VAL A 567 2.46 29.10 -2.06
C VAL A 567 3.74 29.56 -2.74
N LEU A 568 3.64 30.56 -3.61
CA LEU A 568 4.77 31.06 -4.37
C LEU A 568 4.92 32.55 -4.14
N ASN A 569 6.16 33.00 -3.95
CA ASN A 569 6.48 34.42 -3.79
C ASN A 569 7.46 34.81 -4.88
N PHE A 570 6.98 35.54 -5.87
CA PHE A 570 7.81 35.96 -6.99
C PHE A 570 8.58 37.25 -6.73
N GLY A 571 8.29 37.94 -5.62
CA GLY A 571 8.95 39.18 -5.33
C GLY A 571 10.40 38.99 -4.91
N ASP A 572 11.15 40.09 -4.93
CA ASP A 572 12.55 40.10 -4.54
C ASP A 572 12.75 40.45 -3.08
N VAL A 573 11.67 40.66 -2.31
CA VAL A 573 11.75 41.00 -0.90
C VAL A 573 10.90 40.02 -0.11
N GLY A 574 11.32 39.75 1.12
CA GLY A 574 10.57 38.85 1.98
C GLY A 574 9.37 39.53 2.62
N LEU A 575 8.33 38.74 2.84
CA LEU A 575 7.09 39.25 3.43
C LEU A 575 6.33 38.07 4.02
N SER A 576 5.16 38.37 4.59
CA SER A 576 4.30 37.36 5.18
C SER A 576 3.35 36.80 4.14
N ALA A 577 2.96 35.53 4.35
CA ALA A 577 2.02 34.89 3.43
C ALA A 577 0.67 35.58 3.45
N GLY A 578 0.17 35.92 4.65
CA GLY A 578 -1.11 36.60 4.76
C GLY A 578 -2.29 35.78 4.26
N LEU A 579 -2.29 34.48 4.56
CA LEU A 579 -3.39 33.63 4.10
C LEU A 579 -4.67 33.96 4.83
N GLN A 580 -5.79 33.89 4.11
CA GLN A 580 -7.09 34.26 4.66
C GLN A 580 -8.12 33.20 4.28
N ALA A 581 -9.17 33.13 5.08
CA ALA A 581 -10.25 32.16 4.91
C ALA A 581 -11.45 32.84 4.26
N SER A 582 -12.58 32.13 4.23
CA SER A 582 -13.85 32.62 3.68
C SER A 582 -13.76 32.88 2.18
N ASP A 583 -12.90 32.15 1.48
CA ASP A 583 -12.83 32.24 0.04
C ASP A 583 -12.64 30.88 -0.63
N LEU A 584 -12.79 29.79 0.12
CA LEU A 584 -12.62 28.44 -0.38
C LEU A 584 -13.88 27.64 -0.09
N PRO A 585 -14.14 26.59 -0.86
CA PRO A 585 -15.27 25.71 -0.53
C PRO A 585 -15.06 25.04 0.82
N ALA A 586 -16.18 24.79 1.51
CA ALA A 586 -16.10 24.23 2.85
C ALA A 586 -15.55 22.81 2.85
N SER A 587 -15.49 22.16 1.69
CA SER A 587 -14.96 20.79 1.63
C SER A 587 -13.48 20.74 1.98
N ALA A 588 -12.70 21.74 1.57
CA ALA A 588 -11.26 21.73 1.77
C ALA A 588 -10.77 23.07 2.31
N SER A 589 -11.45 23.59 3.34
CA SER A 589 -11.01 24.82 3.97
C SER A 589 -9.66 24.61 4.65
N LEU A 590 -8.79 25.61 4.54
CA LEU A 590 -7.45 25.49 5.10
C LEU A 590 -7.53 25.45 6.62
N PRO A 591 -6.80 24.53 7.27
CA PRO A 591 -6.81 24.47 8.72
C PRO A 591 -5.78 25.40 9.35
N ALA A 592 -5.70 25.41 10.68
CA ALA A 592 -4.76 26.29 11.36
C ALA A 592 -3.31 25.91 11.04
N LYS A 593 -3.00 24.63 11.02
CA LYS A 593 -1.65 24.14 10.78
C LYS A 593 -1.67 23.07 9.70
N ALA A 594 -0.56 22.99 8.97
CA ALA A 594 -0.41 22.02 7.89
C ALA A 594 1.03 21.53 7.84
N ASP A 595 1.20 20.30 7.36
CA ASP A 595 2.52 19.75 7.21
C ASP A 595 3.24 20.40 6.04
N LEU A 596 4.57 20.27 6.03
CA LEU A 596 5.41 20.76 4.94
C LEU A 596 6.10 19.57 4.27
N LEU A 597 6.00 19.50 2.95
CA LEU A 597 6.63 18.42 2.20
C LEU A 597 8.03 18.80 1.72
N LEU A 598 8.15 19.93 1.04
CA LEU A 598 9.45 20.39 0.58
C LEU A 598 9.37 21.89 0.29
N SER A 599 10.54 22.51 0.19
CA SER A 599 10.66 23.92 -0.10
C SER A 599 11.70 24.13 -1.18
N THR A 600 11.52 25.20 -1.97
CA THR A 600 12.47 25.49 -3.04
C THR A 600 13.85 25.79 -2.50
N GLN A 601 13.94 26.60 -1.44
CA GLN A 601 15.22 26.96 -0.87
C GLN A 601 15.54 26.01 0.28
N PRO A 602 16.62 25.23 0.20
CA PRO A 602 16.96 24.32 1.30
C PRO A 602 17.33 25.09 2.56
N GLY A 603 17.02 24.48 3.71
CA GLY A 603 17.29 25.11 4.98
C GLY A 603 16.18 24.91 5.98
N ARG A 604 15.00 24.55 5.50
CA ARG A 604 13.84 24.31 6.35
C ARG A 604 13.69 22.82 6.63
N GLU A 605 12.89 22.51 7.65
CA GLU A 605 12.61 21.15 8.04
C GLU A 605 11.37 20.63 7.32
N GLU A 606 11.23 19.30 7.28
CA GLU A 606 10.11 18.65 6.63
C GLU A 606 9.42 17.71 7.60
N GLY A 607 8.10 17.60 7.46
CA GLY A 607 7.29 16.74 8.29
C GLY A 607 6.67 17.43 9.49
N SER A 608 7.12 18.64 9.82
CA SER A 608 6.55 19.33 10.97
C SER A 608 5.33 20.14 10.57
N PRO A 609 4.29 20.15 11.41
CA PRO A 609 3.08 20.94 11.11
C PRO A 609 3.33 22.42 11.39
N LEU A 610 3.42 23.22 10.33
CA LEU A 610 3.68 24.63 10.44
C LEU A 610 2.38 25.42 10.50
N GLU A 611 2.43 26.56 11.16
CA GLU A 611 1.28 27.45 11.24
C GLU A 611 1.19 28.33 10.01
N LEU A 612 -0.03 28.62 9.58
CA LEU A 612 -0.28 29.43 8.40
C LEU A 612 -0.71 30.85 8.70
N GLU A 613 -1.15 31.13 9.92
CA GLU A 613 -1.61 32.48 10.26
C GLU A 613 -0.46 33.48 10.22
N ARG A 614 0.71 33.09 10.73
CA ARG A 614 1.87 33.98 10.80
C ARG A 614 3.03 33.46 9.94
N LEU A 615 2.71 32.78 8.85
CA LEU A 615 3.75 32.24 7.97
C LEU A 615 4.48 33.37 7.26
N LYS A 616 5.80 33.22 7.14
CA LYS A 616 6.65 34.20 6.47
C LYS A 616 7.24 33.59 5.21
N LEU A 617 7.54 34.44 4.24
CA LEU A 617 8.06 34.01 2.96
C LEU A 617 9.36 34.75 2.64
N GLU A 618 10.19 34.13 1.81
CA GLU A 618 11.45 34.67 1.37
C GLU A 618 11.42 34.96 -0.12
N PRO A 619 12.28 35.85 -0.61
CA PRO A 619 12.26 36.19 -2.04
C PRO A 619 12.51 34.96 -2.91
N HIS A 620 11.72 34.84 -3.98
CA HIS A 620 11.84 33.77 -4.97
C HIS A 620 11.86 32.39 -4.29
N GLU A 621 10.81 32.14 -3.52
CA GLU A 621 10.68 30.91 -2.76
C GLU A 621 9.30 30.30 -2.99
N GLY A 622 9.25 28.97 -3.04
CA GLY A 622 7.99 28.26 -3.15
C GLY A 622 7.89 27.17 -2.11
N LEU A 623 6.69 27.00 -1.55
CA LEU A 623 6.42 25.97 -0.56
C LEU A 623 5.40 24.98 -1.12
N LEU A 624 5.58 23.71 -0.75
CA LEU A 624 4.65 22.65 -1.11
C LEU A 624 4.18 22.00 0.19
N LEU A 625 3.13 22.58 0.77
CA LEU A 625 2.56 22.03 2.00
C LEU A 625 1.60 20.91 1.69
N ARG A 626 1.10 20.26 2.75
CA ARG A 626 0.19 19.13 2.61
C ARG A 626 -0.54 18.93 3.92
N PHE A 627 -1.87 19.06 3.88
CA PHE A 627 -2.70 18.90 5.07
C PHE A 627 -3.81 17.89 4.78
N PRO A 628 -4.30 17.19 5.82
CA PRO A 628 -5.21 16.07 5.56
C PRO A 628 -6.67 16.50 5.42
N TYR A 629 -7.54 15.52 5.21
CA TYR A 629 -8.95 15.80 4.96
C TYR A 629 -9.58 16.46 6.18
N ALA A 630 -10.31 17.54 5.94
CA ALA A 630 -10.96 18.29 7.01
C ALA A 630 -12.16 19.06 6.49
N ALA B 35 -16.04 -35.82 31.78
CA ALA B 35 -15.16 -35.55 30.65
C ALA B 35 -15.85 -34.64 29.64
N LEU B 36 -15.09 -33.73 29.03
CA LEU B 36 -15.66 -32.83 28.04
C LEU B 36 -16.17 -33.60 26.83
N LYS B 37 -15.27 -34.20 26.06
CA LYS B 37 -15.61 -34.97 24.86
C LYS B 37 -14.33 -35.51 24.26
N LYS B 38 -14.46 -36.54 23.42
CA LYS B 38 -13.37 -37.07 22.60
C LYS B 38 -13.94 -37.39 21.22
N GLU B 39 -13.93 -36.40 20.33
CA GLU B 39 -14.46 -36.61 18.98
C GLU B 39 -13.71 -35.90 17.87
N ILE B 40 -12.61 -35.20 18.17
CA ILE B 40 -11.90 -34.44 17.14
C ILE B 40 -10.96 -35.40 16.41
N GLY B 41 -11.28 -35.70 15.15
CA GLY B 41 -10.49 -36.60 14.35
C GLY B 41 -9.29 -35.93 13.72
N LEU B 42 -8.60 -36.69 12.85
CA LEU B 42 -7.44 -36.14 12.15
C LEU B 42 -7.85 -35.00 11.23
N LEU B 43 -8.93 -35.19 10.47
CA LEU B 43 -9.36 -34.14 9.54
C LEU B 43 -9.78 -32.88 10.28
N SER B 44 -10.50 -33.03 11.39
CA SER B 44 -10.92 -31.87 12.15
C SER B 44 -9.72 -31.10 12.69
N ALA B 45 -8.73 -31.81 13.25
CA ALA B 45 -7.54 -31.15 13.76
C ALA B 45 -6.77 -30.45 12.65
N CYS B 46 -6.63 -31.11 11.49
CA CYS B 46 -5.93 -30.51 10.37
C CYS B 46 -6.64 -29.25 9.91
N THR B 47 -7.97 -29.29 9.83
CA THR B 47 -8.72 -28.09 9.45
C THR B 47 -8.58 -27.00 10.49
N ILE B 48 -8.50 -27.37 11.77
CA ILE B 48 -8.27 -26.38 12.83
C ILE B 48 -6.94 -25.66 12.60
N ILE B 49 -5.89 -26.43 12.31
CA ILE B 49 -4.59 -25.80 12.10
C ILE B 49 -4.62 -24.90 10.87
N ILE B 50 -5.21 -25.36 9.76
CA ILE B 50 -5.24 -24.54 8.56
C ILE B 50 -6.03 -23.26 8.80
N GLY B 51 -7.20 -23.37 9.43
CA GLY B 51 -8.01 -22.19 9.70
C GLY B 51 -7.34 -21.21 10.63
N ASN B 52 -6.60 -21.71 11.63
CA ASN B 52 -5.87 -20.81 12.51
C ASN B 52 -4.73 -20.11 11.77
N ILE B 53 -4.01 -20.85 10.93
CA ILE B 53 -2.88 -20.25 10.22
C ILE B 53 -3.37 -19.29 9.14
N ILE B 54 -4.32 -19.73 8.32
CA ILE B 54 -4.80 -18.91 7.20
C ILE B 54 -5.87 -17.96 7.72
N GLY B 55 -5.52 -16.70 7.85
CA GLY B 55 -6.44 -15.68 8.32
C GLY B 55 -6.32 -14.39 7.54
N SER B 56 -6.11 -13.29 8.25
CA SER B 56 -5.91 -11.99 7.62
C SER B 56 -4.45 -11.69 7.31
N GLY B 57 -3.53 -12.57 7.68
CA GLY B 57 -2.13 -12.30 7.41
C GLY B 57 -1.79 -12.28 5.94
N ILE B 58 -2.29 -13.25 5.17
CA ILE B 58 -1.93 -13.37 3.77
C ILE B 58 -2.45 -12.20 2.94
N PHE B 59 -3.50 -11.53 3.38
CA PHE B 59 -4.08 -10.40 2.64
C PHE B 59 -3.55 -9.06 3.12
N ILE B 60 -2.71 -9.03 4.15
CA ILE B 60 -2.20 -7.80 4.74
C ILE B 60 -0.69 -7.75 4.76
N SER B 61 -0.05 -8.86 5.14
CA SER B 61 1.41 -8.90 5.23
C SER B 61 2.16 -8.60 3.92
N PRO B 62 1.76 -9.10 2.74
CA PRO B 62 2.68 -9.01 1.59
C PRO B 62 3.10 -7.60 1.22
N LYS B 63 2.29 -6.58 1.53
CA LYS B 63 2.75 -5.22 1.30
C LYS B 63 3.91 -4.86 2.23
N GLY B 64 3.74 -5.09 3.53
CA GLY B 64 4.76 -4.71 4.48
C GLY B 64 6.09 -5.42 4.25
N VAL B 65 6.04 -6.72 3.95
CA VAL B 65 7.27 -7.46 3.68
C VAL B 65 7.93 -6.95 2.41
N LEU B 66 7.17 -6.37 1.49
CA LEU B 66 7.76 -5.78 0.31
C LEU B 66 8.29 -4.38 0.58
N GLU B 67 7.88 -3.76 1.68
CA GLU B 67 8.36 -2.41 1.99
C GLU B 67 9.77 -2.44 2.56
N HIS B 68 9.96 -3.17 3.66
CA HIS B 68 11.26 -3.16 4.33
C HIS B 68 12.32 -3.93 3.55
N SER B 69 11.91 -4.99 2.83
CA SER B 69 12.87 -5.78 2.03
C SER B 69 13.36 -4.96 0.83
N GLY B 70 12.46 -4.22 0.19
CA GLY B 70 12.80 -3.42 -0.96
C GLY B 70 12.78 -4.14 -2.30
N SER B 71 13.01 -5.45 -2.31
CA SER B 71 13.06 -6.22 -3.53
C SER B 71 12.09 -7.39 -3.45
N VAL B 72 11.63 -7.85 -4.63
CA VAL B 72 10.74 -8.99 -4.68
C VAL B 72 11.42 -10.25 -4.18
N GLY B 73 12.68 -10.47 -4.58
CA GLY B 73 13.39 -11.67 -4.15
C GLY B 73 13.60 -11.72 -2.64
N LEU B 74 14.03 -10.61 -2.06
CA LEU B 74 14.25 -10.59 -0.62
C LEU B 74 12.93 -10.69 0.15
N ALA B 75 11.86 -10.12 -0.38
CA ALA B 75 10.55 -10.27 0.26
C ALA B 75 10.10 -11.73 0.21
N LEU B 76 10.30 -12.41 -0.92
CA LEU B 76 9.95 -13.82 -0.99
C LEU B 76 10.85 -14.67 -0.11
N PHE B 77 12.07 -14.20 0.15
CA PHE B 77 12.97 -14.91 1.06
C PHE B 77 12.37 -15.02 2.45
N VAL B 78 11.77 -13.93 2.94
CA VAL B 78 11.15 -13.96 4.27
C VAL B 78 10.02 -14.98 4.30
N TRP B 79 9.17 -14.96 3.27
CA TRP B 79 8.03 -15.88 3.24
C TRP B 79 8.47 -17.33 3.11
N VAL B 80 9.61 -17.59 2.46
CA VAL B 80 10.06 -18.96 2.32
C VAL B 80 10.90 -19.44 3.49
N LEU B 81 11.47 -18.54 4.29
CA LEU B 81 12.25 -18.94 5.45
C LEU B 81 11.42 -19.00 6.73
N GLY B 82 10.40 -18.14 6.86
CA GLY B 82 9.49 -18.25 7.98
C GLY B 82 8.78 -19.59 8.02
N GLY B 83 8.46 -20.14 6.85
CA GLY B 83 7.89 -21.48 6.79
C GLY B 83 8.80 -22.55 7.35
N GLY B 84 10.10 -22.50 7.03
CA GLY B 84 11.04 -23.44 7.60
C GLY B 84 11.19 -23.30 9.10
N VAL B 85 11.25 -22.04 9.58
CA VAL B 85 11.34 -21.82 11.02
C VAL B 85 10.10 -22.36 11.73
N THR B 86 8.93 -22.11 11.15
CA THR B 86 7.69 -22.63 11.72
C THR B 86 7.68 -24.16 11.70
N ALA B 87 8.22 -24.77 10.64
CA ALA B 87 8.27 -26.23 10.59
C ALA B 87 9.16 -26.79 11.69
N LEU B 88 10.31 -26.14 11.93
CA LEU B 88 11.18 -26.57 13.03
C LEU B 88 10.47 -26.46 14.37
N GLY B 89 9.81 -25.33 14.60
CA GLY B 89 9.05 -25.17 15.83
C GLY B 89 7.94 -26.20 15.97
N SER B 90 7.30 -26.54 14.85
CA SER B 90 6.23 -27.52 14.87
C SER B 90 6.75 -28.90 15.22
N LEU B 91 7.92 -29.27 14.69
CA LEU B 91 8.51 -30.55 15.06
C LEU B 91 8.82 -30.59 16.54
N CYS B 92 9.42 -29.52 17.07
CA CYS B 92 9.73 -29.46 18.50
C CYS B 92 8.47 -29.55 19.34
N TYR B 93 7.41 -28.85 18.93
CA TYR B 93 6.17 -28.86 19.71
C TYR B 93 5.47 -30.21 19.63
N ALA B 94 5.55 -30.89 18.48
CA ALA B 94 4.98 -32.22 18.39
C ALA B 94 5.69 -33.18 19.33
N GLU B 95 7.02 -33.13 19.36
CA GLU B 95 7.75 -33.98 20.30
C GLU B 95 7.39 -33.65 21.74
N LEU B 96 7.33 -32.35 22.07
CA LEU B 96 7.04 -31.95 23.44
C LEU B 96 5.62 -32.33 23.84
N GLY B 97 4.68 -32.26 22.91
CA GLY B 97 3.29 -32.58 23.22
C GLY B 97 3.00 -34.06 23.28
N VAL B 98 3.77 -34.88 22.56
CA VAL B 98 3.64 -36.31 22.77
C VAL B 98 4.41 -36.77 24.00
N ALA B 99 5.41 -36.01 24.44
CA ALA B 99 6.08 -36.33 25.70
C ALA B 99 5.15 -36.08 26.89
N ILE B 100 4.50 -34.92 26.93
CA ILE B 100 3.64 -34.51 28.02
C ILE B 100 2.20 -34.50 27.50
N PRO B 101 1.35 -35.46 27.90
CA PRO B 101 -0.02 -35.50 27.37
C PRO B 101 -0.99 -34.54 28.04
N LYS B 102 -0.54 -33.74 28.99
CA LYS B 102 -1.43 -32.82 29.70
C LYS B 102 -2.01 -31.79 28.74
N SER B 103 -3.25 -31.38 29.02
CA SER B 103 -3.92 -30.40 28.18
C SER B 103 -3.31 -29.02 28.40
N GLY B 104 -3.80 -28.04 27.64
CA GLY B 104 -3.31 -26.69 27.75
C GLY B 104 -1.85 -26.53 27.36
N GLY B 105 -1.47 -27.11 26.22
CA GLY B 105 -0.10 -27.03 25.74
C GLY B 105 0.44 -25.62 25.65
N ASP B 106 1.77 -25.49 25.62
CA ASP B 106 2.46 -24.16 25.58
C ASP B 106 2.39 -23.53 26.98
N TYR B 107 1.57 -24.07 27.88
CA TYR B 107 1.42 -23.55 29.23
C TYR B 107 1.56 -24.62 30.30
N ALA B 108 1.10 -25.85 30.02
CA ALA B 108 1.36 -26.96 30.92
C ALA B 108 2.83 -27.32 30.94
N TYR B 109 3.49 -27.28 29.79
CA TYR B 109 4.91 -27.63 29.72
C TYR B 109 5.75 -26.67 30.55
N VAL B 110 5.52 -25.36 30.36
CA VAL B 110 6.28 -24.36 31.09
C VAL B 110 5.95 -24.43 32.58
N THR B 111 4.67 -24.64 32.92
CA THR B 111 4.28 -24.76 34.32
C THR B 111 5.00 -25.93 34.98
N GLU B 112 5.06 -27.07 34.30
CA GLU B 112 5.72 -28.24 34.87
C GLU B 112 7.23 -28.03 34.98
N ILE B 113 7.84 -27.42 33.97
CA ILE B 113 9.31 -27.36 33.92
C ILE B 113 9.83 -26.20 34.76
N PHE B 114 9.47 -24.97 34.40
CA PHE B 114 10.01 -23.80 35.07
C PHE B 114 9.25 -23.43 36.35
N GLY B 115 8.18 -24.15 36.67
CA GLY B 115 7.44 -23.89 37.88
C GLY B 115 6.18 -23.10 37.63
N GLY B 116 5.54 -22.72 38.74
CA GLY B 116 4.28 -22.00 38.65
C GLY B 116 4.42 -20.60 38.08
N LEU B 117 5.51 -19.92 38.41
CA LEU B 117 5.63 -18.50 38.06
C LEU B 117 5.72 -18.30 36.55
N ALA B 118 6.60 -19.05 35.88
CA ALA B 118 6.74 -18.90 34.44
C ALA B 118 5.46 -19.32 33.72
N GLY B 119 4.82 -20.40 34.20
CA GLY B 119 3.56 -20.81 33.62
C GLY B 119 2.49 -19.76 33.73
N PHE B 120 2.39 -19.13 34.91
CA PHE B 120 1.40 -18.08 35.09
C PHE B 120 1.71 -16.87 34.22
N LEU B 121 2.99 -16.52 34.09
CA LEU B 121 3.35 -15.40 33.21
C LEU B 121 2.96 -15.70 31.77
N LEU B 122 3.22 -16.92 31.31
CA LEU B 122 2.85 -17.29 29.95
C LEU B 122 1.34 -17.26 29.76
N LEU B 123 0.59 -17.77 30.74
CA LEU B 123 -0.86 -17.75 30.64
C LEU B 123 -1.39 -16.32 30.62
N TRP B 124 -0.84 -15.46 31.47
CA TRP B 124 -1.25 -14.07 31.51
C TRP B 124 -0.99 -13.38 30.17
N SER B 125 0.19 -13.60 29.59
CA SER B 125 0.51 -12.99 28.31
C SER B 125 -0.39 -13.51 27.21
N ALA B 126 -0.64 -14.82 27.19
CA ALA B 126 -1.46 -15.40 26.12
C ALA B 126 -2.91 -14.94 26.21
N VAL B 127 -3.47 -14.92 27.42
CA VAL B 127 -4.85 -14.51 27.57
C VAL B 127 -5.03 -13.01 27.33
N LEU B 128 -4.07 -12.19 27.77
CA LEU B 128 -4.26 -10.74 27.72
C LEU B 128 -3.65 -10.08 26.49
N ILE B 129 -2.64 -10.68 25.86
CA ILE B 129 -1.94 -10.01 24.76
C ILE B 129 -2.18 -10.73 23.44
N MET B 130 -1.76 -11.99 23.35
CA MET B 130 -1.69 -12.66 22.05
C MET B 130 -3.07 -12.83 21.43
N TYR B 131 -4.02 -13.37 22.19
CA TYR B 131 -5.28 -13.81 21.61
C TYR B 131 -6.24 -12.67 21.30
N PRO B 132 -6.59 -11.79 22.26
CA PRO B 132 -7.54 -10.72 21.93
C PRO B 132 -7.07 -9.80 20.82
N THR B 133 -5.77 -9.50 20.76
CA THR B 133 -5.27 -8.64 19.68
C THR B 133 -5.43 -9.32 18.32
N SER B 134 -5.10 -10.62 18.23
CA SER B 134 -5.27 -11.33 16.99
C SER B 134 -6.75 -11.38 16.58
N LEU B 135 -7.63 -11.61 17.55
CA LEU B 135 -9.07 -11.64 17.25
C LEU B 135 -9.56 -10.29 16.76
N ALA B 136 -9.11 -9.21 17.40
CA ALA B 136 -9.52 -7.88 16.97
C ALA B 136 -9.02 -7.58 15.56
N VAL B 137 -7.77 -7.94 15.26
CA VAL B 137 -7.23 -7.70 13.93
C VAL B 137 -8.01 -8.49 12.89
N ILE B 138 -8.31 -9.75 13.18
CA ILE B 138 -9.03 -10.59 12.23
C ILE B 138 -10.43 -10.02 11.98
N SER B 139 -11.13 -9.65 13.04
CA SER B 139 -12.49 -9.13 12.88
C SER B 139 -12.48 -7.80 12.12
N MET B 140 -11.54 -6.91 12.44
CA MET B 140 -11.48 -5.63 11.75
C MET B 140 -11.15 -5.81 10.27
N THR B 141 -10.27 -6.76 9.95
CA THR B 141 -10.00 -7.05 8.55
C THR B 141 -11.25 -7.56 7.84
N PHE B 142 -12.00 -8.46 8.50
CA PHE B 142 -13.25 -8.94 7.92
C PHE B 142 -14.19 -7.78 7.61
N SER B 143 -14.39 -6.90 8.58
CA SER B 143 -15.32 -5.79 8.38
C SER B 143 -14.83 -4.85 7.28
N ASN B 144 -13.53 -4.54 7.26
CA ASN B 144 -13.02 -3.61 6.27
C ASN B 144 -13.09 -4.18 4.86
N TYR B 145 -12.86 -5.49 4.70
CA TYR B 145 -12.89 -6.09 3.38
C TYR B 145 -14.29 -6.51 2.94
N VAL B 146 -15.27 -6.54 3.85
CA VAL B 146 -16.63 -6.86 3.43
C VAL B 146 -17.38 -5.62 2.94
N LEU B 147 -16.90 -4.42 3.27
CA LEU B 147 -17.49 -3.18 2.80
C LEU B 147 -16.73 -2.58 1.62
N GLN B 148 -15.81 -3.33 1.03
CA GLN B 148 -15.01 -2.81 -0.08
C GLN B 148 -15.85 -2.44 -1.30
N PRO B 149 -16.79 -3.27 -1.78
CA PRO B 149 -17.60 -2.83 -2.93
C PRO B 149 -18.48 -1.63 -2.65
N VAL B 150 -18.84 -1.37 -1.39
CA VAL B 150 -19.71 -0.26 -1.08
C VAL B 150 -18.99 1.07 -1.28
N PHE B 151 -17.74 1.17 -0.83
CA PHE B 151 -16.94 2.38 -0.96
C PHE B 151 -15.59 2.03 -1.58
N PRO B 152 -15.58 1.63 -2.87
CA PRO B 152 -14.30 1.21 -3.46
C PRO B 152 -13.48 2.37 -4.00
N ASN B 153 -13.46 3.49 -3.26
CA ASN B 153 -12.53 4.57 -3.54
C ASN B 153 -12.05 5.28 -2.29
N CYS B 154 -12.48 4.86 -1.10
CA CYS B 154 -12.18 5.55 0.14
C CYS B 154 -12.35 4.57 1.29
N ILE B 155 -12.40 5.08 2.52
CA ILE B 155 -12.56 4.25 3.70
C ILE B 155 -14.03 4.28 4.15
N PRO B 156 -14.56 3.18 4.66
CA PRO B 156 -15.92 3.20 5.19
C PRO B 156 -15.97 3.90 6.54
N PRO B 157 -17.16 4.33 6.98
CA PRO B 157 -17.26 4.94 8.31
C PRO B 157 -16.83 3.96 9.40
N THR B 158 -16.16 4.51 10.43
CA THR B 158 -15.60 3.66 11.47
C THR B 158 -16.69 2.96 12.28
N THR B 159 -17.80 3.66 12.57
CA THR B 159 -18.83 3.10 13.42
C THR B 159 -19.46 1.86 12.79
N ALA B 160 -19.73 1.92 11.48
CA ALA B 160 -20.29 0.76 10.79
C ALA B 160 -19.35 -0.42 10.86
N SER B 161 -18.04 -0.18 10.66
CA SER B 161 -17.07 -1.26 10.73
C SER B 161 -17.03 -1.89 12.12
N ARG B 162 -17.00 -1.06 13.16
CA ARG B 162 -16.97 -1.58 14.52
C ARG B 162 -18.23 -2.39 14.81
N VAL B 163 -19.38 -1.91 14.38
CA VAL B 163 -20.63 -2.61 14.66
C VAL B 163 -20.67 -3.95 13.92
N LEU B 164 -20.23 -3.98 12.67
CA LEU B 164 -20.19 -5.24 11.94
C LEU B 164 -19.25 -6.25 12.60
N SER B 165 -18.08 -5.78 13.02
CA SER B 165 -17.14 -6.68 13.67
C SER B 165 -17.68 -7.21 15.00
N MET B 166 -18.29 -6.35 15.81
CA MET B 166 -18.89 -6.81 17.05
C MET B 166 -20.02 -7.80 16.79
N ALA B 167 -20.81 -7.55 15.73
CA ALA B 167 -21.90 -8.45 15.40
C ALA B 167 -21.39 -9.84 15.04
N CYS B 168 -20.35 -9.92 14.21
CA CYS B 168 -19.84 -11.25 13.86
C CYS B 168 -19.18 -11.91 15.07
N LEU B 169 -18.51 -11.14 15.93
CA LEU B 169 -17.95 -11.72 17.14
C LEU B 169 -19.03 -12.33 18.03
N MET B 170 -20.14 -11.59 18.22
CA MET B 170 -21.21 -12.10 19.06
C MET B 170 -21.88 -13.33 18.44
N LEU B 171 -22.11 -13.31 17.13
CA LEU B 171 -22.70 -14.49 16.50
C LEU B 171 -21.80 -15.70 16.65
N LEU B 172 -20.48 -15.53 16.47
CA LEU B 172 -19.59 -16.67 16.53
C LEU B 172 -19.41 -17.17 17.95
N THR B 173 -19.39 -16.27 18.94
CA THR B 173 -19.32 -16.72 20.32
C THR B 173 -20.61 -17.45 20.72
N TRP B 174 -21.76 -17.02 20.21
CA TRP B 174 -22.99 -17.77 20.50
C TRP B 174 -22.96 -19.15 19.87
N VAL B 175 -22.52 -19.25 18.61
CA VAL B 175 -22.51 -20.57 17.98
C VAL B 175 -21.47 -21.47 18.63
N ASN B 176 -20.42 -20.89 19.22
CA ASN B 176 -19.45 -21.70 19.95
C ASN B 176 -20.01 -22.16 21.29
N SER B 177 -20.75 -21.29 21.99
CA SER B 177 -21.37 -21.70 23.24
C SER B 177 -22.54 -22.64 23.04
N SER B 178 -23.10 -22.71 21.83
CA SER B 178 -24.26 -23.57 21.60
C SER B 178 -23.86 -25.03 21.54
N SER B 179 -22.75 -25.35 20.88
CA SER B 179 -22.32 -26.73 20.73
C SER B 179 -20.87 -26.76 20.27
N VAL B 180 -20.34 -27.96 20.09
CA VAL B 180 -19.00 -28.17 19.59
C VAL B 180 -19.00 -28.81 18.21
N ARG B 181 -19.95 -29.72 17.97
CA ARG B 181 -20.07 -30.35 16.65
C ARG B 181 -20.36 -29.30 15.58
N TRP B 182 -21.24 -28.34 15.87
CA TRP B 182 -21.51 -27.28 14.93
C TRP B 182 -20.28 -26.43 14.67
N ALA B 183 -19.51 -26.15 15.73
CA ALA B 183 -18.28 -25.37 15.55
C ALA B 183 -17.29 -26.11 14.65
N THR B 184 -17.13 -27.42 14.87
CA THR B 184 -16.22 -28.19 14.03
C THR B 184 -16.69 -28.23 12.58
N ARG B 185 -18.00 -28.42 12.37
CA ARG B 185 -18.51 -28.44 11.01
C ARG B 185 -18.32 -27.10 10.32
N ILE B 186 -18.58 -26.00 11.03
CA ILE B 186 -18.38 -24.66 10.49
C ILE B 186 -16.91 -24.46 10.12
N GLN B 187 -16.01 -24.90 11.00
CA GLN B 187 -14.58 -24.78 10.72
C GLN B 187 -14.20 -25.56 9.47
N ASP B 188 -14.77 -26.77 9.30
CA ASP B 188 -14.45 -27.57 8.12
C ASP B 188 -14.94 -26.90 6.84
N MET B 189 -16.19 -26.41 6.84
CA MET B 189 -16.69 -25.72 5.66
C MET B 189 -15.87 -24.48 5.33
N PHE B 190 -15.49 -23.72 6.34
CA PHE B 190 -14.73 -22.50 6.07
C PHE B 190 -13.30 -22.81 5.65
N THR B 191 -12.72 -23.91 6.15
CA THR B 191 -11.42 -24.32 5.65
C THR B 191 -11.50 -24.73 4.18
N GLY B 192 -12.55 -25.46 3.81
CA GLY B 192 -12.77 -25.74 2.40
C GLY B 192 -12.93 -24.48 1.58
N GLY B 193 -13.65 -23.49 2.13
CA GLY B 193 -13.84 -22.24 1.41
C GLY B 193 -12.54 -21.48 1.20
N LYS B 194 -11.71 -21.40 2.25
CA LYS B 194 -10.41 -20.76 2.10
C LYS B 194 -9.52 -21.51 1.11
N LEU B 195 -9.55 -22.84 1.14
CA LEU B 195 -8.77 -23.61 0.17
C LEU B 195 -9.23 -23.32 -1.25
N LEU B 196 -10.55 -23.26 -1.47
CA LEU B 196 -11.06 -22.99 -2.81
C LEU B 196 -10.69 -21.58 -3.26
N ALA B 197 -10.82 -20.59 -2.39
CA ALA B 197 -10.49 -19.21 -2.78
C ALA B 197 -9.01 -19.07 -3.09
N LEU B 198 -8.15 -19.68 -2.26
CA LEU B 198 -6.72 -19.59 -2.51
C LEU B 198 -6.33 -20.36 -3.75
N SER B 199 -7.00 -21.48 -4.04
CA SER B 199 -6.75 -22.20 -5.29
C SER B 199 -7.16 -21.37 -6.49
N LEU B 200 -8.28 -20.66 -6.39
CA LEU B 200 -8.70 -19.79 -7.49
C LEU B 200 -7.68 -18.67 -7.71
N ILE B 201 -7.19 -18.07 -6.64
CA ILE B 201 -6.18 -17.02 -6.76
C ILE B 201 -4.90 -17.59 -7.37
N ILE B 202 -4.49 -18.78 -6.93
CA ILE B 202 -3.27 -19.39 -7.44
C ILE B 202 -3.41 -19.71 -8.92
N GLY B 203 -4.59 -20.17 -9.35
CA GLY B 203 -4.81 -20.45 -10.76
C GLY B 203 -4.82 -19.19 -11.61
N VAL B 204 -5.47 -18.14 -11.11
CA VAL B 204 -5.50 -16.87 -11.85
C VAL B 204 -4.09 -16.31 -11.99
N GLY B 205 -3.30 -16.35 -10.92
CA GLY B 205 -1.93 -15.90 -11.01
C GLY B 205 -1.08 -16.78 -11.91
N LEU B 206 -1.37 -18.09 -11.93
CA LEU B 206 -0.57 -19.00 -12.73
C LEU B 206 -0.85 -18.85 -14.22
N LEU B 207 -2.10 -18.59 -14.59
CA LEU B 207 -2.48 -18.51 -16.01
C LEU B 207 -1.56 -17.60 -16.82
N GLN B 208 -0.88 -16.66 -16.17
CA GLN B 208 0.05 -15.79 -16.86
C GLN B 208 1.32 -16.51 -17.32
N ILE B 209 1.57 -17.75 -16.90
CA ILE B 209 2.68 -18.50 -17.47
C ILE B 209 2.38 -18.88 -18.92
N PHE B 210 1.13 -19.23 -19.21
CA PHE B 210 0.71 -19.47 -20.59
C PHE B 210 0.38 -18.17 -21.30
N GLN B 211 -0.12 -17.17 -20.58
CA GLN B 211 -0.41 -15.89 -21.19
C GLN B 211 0.85 -15.07 -21.46
N GLY B 212 1.99 -15.50 -20.94
CA GLY B 212 3.24 -14.81 -21.17
C GLY B 212 3.35 -13.46 -20.53
N HIS B 213 2.88 -13.32 -19.28
CA HIS B 213 2.90 -12.06 -18.55
C HIS B 213 3.90 -12.10 -17.40
N PHE B 214 4.96 -12.90 -17.53
CA PHE B 214 5.94 -13.04 -16.46
C PHE B 214 7.15 -12.11 -16.68
N GLU B 215 6.86 -10.83 -16.91
CA GLU B 215 7.95 -9.86 -16.95
C GLU B 215 8.52 -9.62 -15.56
N GLU B 216 7.67 -9.70 -14.53
CA GLU B 216 8.16 -9.74 -13.17
C GLU B 216 8.63 -11.15 -12.83
N LEU B 217 9.51 -11.23 -11.82
CA LEU B 217 10.17 -12.47 -11.44
C LEU B 217 11.08 -13.00 -12.55
N ARG B 218 11.17 -12.25 -13.63
CA ARG B 218 12.12 -12.58 -14.69
C ARG B 218 13.53 -12.39 -14.16
N PRO B 219 14.41 -13.40 -14.27
CA PRO B 219 15.79 -13.24 -13.79
C PRO B 219 16.50 -12.01 -14.34
N SER B 220 16.02 -11.45 -15.46
CA SER B 220 16.58 -10.20 -15.97
C SER B 220 16.37 -9.07 -14.97
N ASN B 221 15.11 -8.72 -14.70
CA ASN B 221 14.84 -7.71 -13.69
C ASN B 221 15.12 -8.25 -12.29
N ALA B 222 14.58 -9.44 -12.00
CA ALA B 222 14.79 -10.15 -10.74
C ALA B 222 14.83 -9.22 -9.53
N PHE B 223 16.05 -8.92 -9.06
CA PHE B 223 16.26 -8.00 -7.95
C PHE B 223 16.10 -6.57 -8.50
N ALA B 224 14.85 -6.14 -8.57
CA ALA B 224 14.53 -4.82 -9.12
C ALA B 224 15.05 -3.69 -8.24
N PHE B 225 15.45 -3.97 -7.01
CA PHE B 225 15.96 -2.96 -6.09
C PHE B 225 16.91 -3.66 -5.13
N TRP B 226 17.90 -2.90 -4.63
CA TRP B 226 18.94 -3.51 -3.80
C TRP B 226 18.69 -3.31 -2.31
N MET B 227 18.67 -2.06 -1.85
CA MET B 227 18.50 -1.73 -0.44
C MET B 227 18.48 -0.21 -0.31
N THR B 228 18.25 0.26 0.91
CA THR B 228 18.27 1.68 1.20
C THR B 228 18.93 1.96 2.55
N PRO B 229 18.56 1.29 3.63
CA PRO B 229 19.24 1.52 4.92
C PRO B 229 20.54 0.72 4.97
N SER B 230 21.20 0.82 6.12
CA SER B 230 22.44 0.07 6.40
C SER B 230 22.38 -0.54 7.79
N VAL B 231 21.19 -0.95 8.22
CA VAL B 231 20.97 -1.53 9.52
C VAL B 231 20.13 -2.80 9.37
N GLY B 232 19.81 -3.43 10.49
CA GLY B 232 19.01 -4.64 10.49
C GLY B 232 17.52 -4.34 10.38
N HIS B 233 17.11 -3.76 9.26
CA HIS B 233 15.70 -3.50 9.02
C HIS B 233 14.91 -4.75 8.68
N LEU B 234 15.59 -5.88 8.47
CA LEU B 234 14.89 -7.14 8.23
C LEU B 234 14.23 -7.67 9.48
N ALA B 235 14.59 -7.16 10.66
CA ALA B 235 13.94 -7.59 11.89
C ALA B 235 12.45 -7.30 11.83
N LEU B 236 12.07 -6.05 11.55
CA LEU B 236 10.68 -5.73 11.30
C LEU B 236 10.34 -5.86 9.82
N ALA B 237 10.79 -6.96 9.25
CA ALA B 237 10.17 -7.55 8.07
C ALA B 237 9.85 -9.01 8.31
N PHE B 238 10.73 -9.76 8.98
CA PHE B 238 10.38 -11.05 9.53
C PHE B 238 9.31 -10.98 10.61
N LEU B 239 9.42 -10.01 11.53
CA LEU B 239 8.44 -9.87 12.60
C LEU B 239 7.07 -9.44 12.10
N GLN B 240 6.96 -8.95 10.86
CA GLN B 240 5.68 -8.62 10.27
C GLN B 240 5.21 -9.65 9.25
N GLY B 241 6.12 -10.42 8.66
CA GLY B 241 5.72 -11.46 7.74
C GLY B 241 5.39 -12.77 8.44
N SER B 242 5.93 -12.97 9.65
CA SER B 242 5.63 -14.13 10.46
C SER B 242 4.48 -13.76 11.40
N PHE B 243 3.43 -13.20 10.82
CA PHE B 243 2.16 -13.04 11.50
C PHE B 243 1.05 -13.85 10.85
N ALA B 244 1.14 -14.14 9.55
CA ALA B 244 0.27 -15.12 8.93
C ALA B 244 0.61 -16.54 9.33
N PHE B 245 1.76 -16.76 9.95
CA PHE B 245 2.16 -18.07 10.44
C PHE B 245 1.77 -18.30 11.89
N SER B 246 1.19 -17.30 12.55
CA SER B 246 0.82 -17.43 13.95
C SER B 246 -0.33 -18.41 14.10
N GLY B 247 -0.32 -19.18 15.18
CA GLY B 247 -1.42 -20.08 15.46
C GLY B 247 -1.17 -21.53 15.09
N TRP B 248 0.06 -21.86 14.70
CA TRP B 248 0.37 -23.24 14.37
C TRP B 248 0.48 -24.13 15.61
N ASN B 249 0.64 -23.53 16.79
CA ASN B 249 0.74 -24.29 18.04
C ASN B 249 -0.58 -24.43 18.77
N PHE B 250 -1.68 -23.95 18.19
CA PHE B 250 -2.94 -23.90 18.90
C PHE B 250 -3.62 -25.25 19.02
N LEU B 251 -3.30 -26.20 18.14
CA LEU B 251 -3.89 -27.53 18.26
C LEU B 251 -3.49 -28.19 19.58
N ASN B 252 -2.34 -27.80 20.13
CA ASN B 252 -1.94 -28.34 21.43
C ASN B 252 -2.87 -27.88 22.54
N TYR B 253 -3.51 -26.72 22.38
CA TYR B 253 -4.47 -26.27 23.38
C TYR B 253 -5.70 -27.17 23.42
N VAL B 254 -6.19 -27.57 22.25
CA VAL B 254 -7.37 -28.45 22.18
C VAL B 254 -6.85 -29.87 22.23
N THR B 255 -6.55 -30.33 23.45
CA THR B 255 -6.13 -31.69 23.72
C THR B 255 -6.80 -32.10 25.02
N GLU B 256 -7.08 -33.39 25.15
CA GLU B 256 -8.08 -34.05 26.00
C GLU B 256 -9.43 -33.99 25.29
N GLU B 257 -9.50 -33.37 24.11
CA GLU B 257 -10.64 -33.47 23.21
C GLU B 257 -10.29 -34.13 21.90
N MET B 258 -9.06 -34.65 21.77
CA MET B 258 -8.57 -35.25 20.54
C MET B 258 -8.50 -36.76 20.71
N VAL B 259 -9.08 -37.49 19.77
CA VAL B 259 -9.03 -38.95 19.81
C VAL B 259 -7.66 -39.42 19.33
N ASP B 260 -7.03 -40.28 20.12
CA ASP B 260 -5.71 -40.84 19.82
C ASP B 260 -4.70 -39.73 19.54
N ALA B 261 -4.46 -38.91 20.56
CA ALA B 261 -3.56 -37.78 20.44
C ALA B 261 -2.13 -38.20 20.14
N ARG B 262 -1.73 -39.41 20.52
CA ARG B 262 -0.35 -39.84 20.33
C ARG B 262 0.01 -39.95 18.84
N LYS B 263 -0.96 -40.25 17.99
CA LYS B 263 -0.72 -40.42 16.56
C LYS B 263 -1.30 -39.31 15.70
N ASN B 264 -2.49 -38.82 16.04
CA ASN B 264 -3.17 -37.85 15.17
C ASN B 264 -2.53 -36.48 15.27
N LEU B 265 -2.10 -36.07 16.47
CA LEU B 265 -1.48 -34.76 16.62
C LEU B 265 -0.18 -34.62 15.82
N PRO B 266 0.80 -35.53 15.94
CA PRO B 266 2.00 -35.38 15.10
C PRO B 266 1.70 -35.45 13.62
N ARG B 267 0.75 -36.30 13.22
CA ARG B 267 0.40 -36.40 11.81
C ARG B 267 -0.17 -35.08 11.29
N ALA B 268 -1.09 -34.49 12.06
CA ALA B 268 -1.66 -33.21 11.65
C ALA B 268 -0.60 -32.12 11.60
N ILE B 269 0.30 -32.10 12.58
CA ILE B 269 1.35 -31.07 12.60
C ILE B 269 2.27 -31.24 11.40
N PHE B 270 2.61 -32.48 11.05
CA PHE B 270 3.51 -32.72 9.92
C PHE B 270 2.84 -32.47 8.58
N ILE B 271 1.52 -32.62 8.51
CA ILE B 271 0.81 -32.43 7.24
C ILE B 271 0.48 -30.97 7.00
N SER B 272 0.07 -30.23 8.04
CA SER B 272 -0.46 -28.89 7.82
C SER B 272 0.61 -27.92 7.32
N ILE B 273 1.79 -27.92 7.95
CA ILE B 273 2.77 -26.87 7.69
C ILE B 273 3.24 -26.84 6.24
N PRO B 274 3.64 -27.96 5.61
CA PRO B 274 4.08 -27.87 4.21
C PRO B 274 3.02 -27.32 3.27
N LEU B 275 1.76 -27.69 3.47
CA LEU B 275 0.69 -27.16 2.63
C LEU B 275 0.58 -25.65 2.79
N VAL B 276 0.66 -25.16 4.03
CA VAL B 276 0.58 -23.73 4.28
C VAL B 276 1.74 -23.00 3.61
N THR B 277 2.96 -23.54 3.74
CA THR B 277 4.11 -22.89 3.12
C THR B 277 4.00 -22.85 1.61
N PHE B 278 3.59 -23.97 1.00
CA PHE B 278 3.43 -24.02 -0.45
C PHE B 278 2.35 -23.07 -0.93
N VAL B 279 1.25 -22.95 -0.17
CA VAL B 279 0.19 -22.02 -0.55
C VAL B 279 0.69 -20.59 -0.46
N TYR B 280 1.37 -20.25 0.65
CA TYR B 280 1.74 -18.85 0.89
C TYR B 280 2.80 -18.38 -0.10
N THR B 281 3.82 -19.21 -0.36
CA THR B 281 4.86 -18.79 -1.29
C THR B 281 4.28 -18.51 -2.68
N PHE B 282 3.43 -19.42 -3.17
CA PHE B 282 2.85 -19.24 -4.50
C PHE B 282 1.85 -18.09 -4.53
N THR B 283 1.14 -17.86 -3.42
CA THR B 283 0.24 -16.71 -3.37
C THR B 283 1.02 -15.40 -3.45
N ASN B 284 2.16 -15.32 -2.75
CA ASN B 284 3.01 -14.15 -2.88
C ASN B 284 3.56 -14.02 -4.30
N ILE B 285 3.93 -15.15 -4.91
CA ILE B 285 4.40 -15.12 -6.30
C ILE B 285 3.34 -14.52 -7.20
N ALA B 286 2.09 -14.97 -7.06
CA ALA B 286 1.01 -14.42 -7.87
C ALA B 286 0.75 -12.96 -7.55
N TYR B 287 0.92 -12.56 -6.29
CA TYR B 287 0.72 -11.17 -5.92
C TYR B 287 1.72 -10.24 -6.61
N PHE B 288 2.99 -10.63 -6.65
CA PHE B 288 3.99 -9.82 -7.34
C PHE B 288 4.02 -10.04 -8.84
N THR B 289 3.41 -11.10 -9.37
CA THR B 289 3.56 -11.34 -10.83
C THR B 289 2.61 -10.46 -11.65
N ALA B 290 1.41 -10.17 -11.13
CA ALA B 290 0.43 -9.48 -11.94
C ALA B 290 0.68 -7.98 -12.10
N MET B 291 1.54 -7.38 -11.29
CA MET B 291 1.74 -5.95 -11.34
C MET B 291 3.09 -5.61 -10.70
N SER B 292 3.30 -4.32 -10.39
CA SER B 292 4.57 -3.77 -9.98
C SER B 292 4.64 -3.59 -8.46
N PRO B 293 5.84 -3.65 -7.88
CA PRO B 293 5.96 -3.47 -6.42
C PRO B 293 5.40 -2.15 -5.91
N GLN B 294 5.56 -1.07 -6.67
CA GLN B 294 5.02 0.23 -6.27
C GLN B 294 3.51 0.14 -6.05
N GLU B 295 2.81 -0.66 -6.86
CA GLU B 295 1.36 -0.70 -6.78
C GLU B 295 0.86 -1.40 -5.51
N LEU B 296 1.76 -2.21 -4.95
CA LEU B 296 1.46 -2.79 -3.62
C LEU B 296 1.86 -1.70 -2.62
N LEU B 297 2.91 -0.93 -2.93
CA LEU B 297 3.40 0.06 -1.97
C LEU B 297 2.46 1.25 -1.80
N SER B 298 1.48 1.41 -2.69
CA SER B 298 0.48 2.48 -2.59
C SER B 298 -0.90 1.97 -2.24
N SER B 299 -1.30 0.85 -2.84
CA SER B 299 -2.68 0.33 -2.66
C SER B 299 -2.87 -0.28 -1.27
N ASN B 300 -4.03 -0.02 -0.66
CA ASN B 300 -4.38 -0.62 0.63
C ASN B 300 -5.31 -1.81 0.49
N ALA B 301 -5.48 -2.33 -0.72
CA ALA B 301 -6.42 -3.41 -1.04
C ALA B 301 -5.73 -4.47 -1.89
N VAL B 302 -4.57 -4.92 -1.43
CA VAL B 302 -3.65 -5.78 -2.17
C VAL B 302 -4.37 -6.86 -2.97
N ALA B 303 -5.34 -7.52 -2.34
CA ALA B 303 -6.11 -8.54 -3.05
C ALA B 303 -7.06 -7.92 -4.07
N VAL B 304 -7.68 -6.79 -3.71
CA VAL B 304 -8.71 -6.20 -4.56
C VAL B 304 -8.11 -5.70 -5.87
N THR B 305 -6.92 -5.11 -5.81
CA THR B 305 -6.27 -4.66 -7.04
C THR B 305 -6.00 -5.84 -7.98
N PHE B 306 -5.48 -6.94 -7.44
CA PHE B 306 -5.25 -8.12 -8.26
C PHE B 306 -6.55 -8.62 -8.87
N GLY B 307 -7.61 -8.70 -8.07
CA GLY B 307 -8.87 -9.20 -8.57
C GLY B 307 -9.47 -8.33 -9.65
N GLU B 308 -9.39 -7.01 -9.47
CA GLU B 308 -9.97 -6.09 -10.45
C GLU B 308 -9.12 -5.98 -11.71
N LYS B 309 -7.82 -6.24 -11.63
CA LYS B 309 -7.00 -6.21 -12.84
C LYS B 309 -7.14 -7.51 -13.64
N LEU B 310 -7.04 -8.66 -12.97
CA LEU B 310 -7.01 -9.92 -13.70
C LEU B 310 -8.41 -10.47 -14.01
N LEU B 311 -9.46 -9.78 -13.60
CA LEU B 311 -10.81 -10.24 -13.91
C LEU B 311 -11.66 -9.11 -14.47
N GLY B 312 -11.33 -7.87 -14.12
CA GLY B 312 -12.13 -6.74 -14.57
C GLY B 312 -13.52 -6.77 -13.97
N TYR B 313 -14.51 -7.08 -14.79
CA TYR B 313 -15.85 -7.32 -14.28
C TYR B 313 -15.90 -8.65 -13.55
N PHE B 314 -16.99 -8.87 -12.81
CA PHE B 314 -17.18 -10.03 -11.94
C PHE B 314 -16.04 -10.19 -10.93
N SER B 315 -15.32 -9.11 -10.64
CA SER B 315 -14.26 -9.12 -9.64
C SER B 315 -14.78 -9.03 -8.22
N TRP B 316 -16.11 -8.94 -8.05
CA TRP B 316 -16.70 -8.89 -6.71
C TRP B 316 -16.64 -10.24 -6.01
N VAL B 317 -16.26 -11.31 -6.73
CA VAL B 317 -16.25 -12.64 -6.14
C VAL B 317 -15.12 -12.76 -5.13
N MET B 318 -13.92 -12.31 -5.48
CA MET B 318 -12.76 -12.51 -4.62
C MET B 318 -12.85 -11.80 -3.27
N PRO B 319 -13.18 -10.50 -3.18
CA PRO B 319 -13.17 -9.85 -1.85
C PRO B 319 -14.14 -10.48 -0.88
N VAL B 320 -15.34 -10.86 -1.33
CA VAL B 320 -16.29 -11.53 -0.45
C VAL B 320 -15.70 -12.81 0.08
N SER B 321 -15.06 -13.60 -0.80
CA SER B 321 -14.37 -14.80 -0.35
C SER B 321 -13.35 -14.46 0.72
N VAL B 322 -12.63 -13.35 0.56
CA VAL B 322 -11.68 -12.92 1.58
C VAL B 322 -12.40 -12.77 2.91
N ALA B 323 -13.53 -12.07 2.92
CA ALA B 323 -14.35 -12.00 4.12
C ALA B 323 -14.72 -13.40 4.59
N LEU B 324 -15.21 -14.23 3.67
CA LEU B 324 -15.45 -15.63 3.99
C LEU B 324 -14.20 -16.26 4.59
N SER B 325 -13.06 -16.06 3.94
CA SER B 325 -11.79 -16.56 4.46
C SER B 325 -11.59 -16.10 5.89
N THR B 326 -11.77 -14.79 6.13
CA THR B 326 -11.52 -14.27 7.47
C THR B 326 -12.53 -14.81 8.46
N PHE B 327 -13.75 -15.11 8.01
CA PHE B 327 -14.74 -15.69 8.91
C PHE B 327 -14.35 -17.09 9.36
N GLY B 328 -13.43 -17.74 8.66
CA GLY B 328 -12.92 -19.01 9.14
C GLY B 328 -11.87 -18.91 10.19
N GLY B 329 -11.39 -17.69 10.48
CA GLY B 329 -10.36 -17.49 11.47
C GLY B 329 -10.91 -17.28 12.86
N ILE B 330 -11.89 -16.38 13.00
CA ILE B 330 -12.42 -16.04 14.32
C ILE B 330 -12.87 -17.29 15.06
N ASN B 331 -13.66 -18.13 14.38
CA ASN B 331 -14.09 -19.38 14.99
C ASN B 331 -12.89 -20.21 15.43
N GLY B 332 -11.92 -20.39 14.54
CA GLY B 332 -10.75 -21.19 14.89
C GLY B 332 -9.99 -20.62 16.07
N TYR B 333 -10.17 -19.34 16.35
CA TYR B 333 -9.60 -18.77 17.56
C TYR B 333 -10.48 -19.04 18.77
N LEU B 334 -11.78 -18.74 18.66
CA LEU B 334 -12.65 -18.87 19.81
C LEU B 334 -12.82 -20.32 20.22
N PHE B 335 -12.59 -21.25 19.30
CA PHE B 335 -12.62 -22.67 19.66
C PHE B 335 -11.44 -23.03 20.55
N THR B 336 -10.27 -22.43 20.32
CA THR B 336 -9.09 -22.79 21.08
C THR B 336 -8.86 -21.88 22.28
N TYR B 337 -9.11 -20.58 22.11
CA TYR B 337 -8.98 -19.63 23.21
C TYR B 337 -9.82 -20.08 24.40
N SER B 338 -11.08 -20.46 24.16
CA SER B 338 -11.94 -20.93 25.24
C SER B 338 -11.35 -22.16 25.92
N ARG B 339 -10.64 -23.02 25.18
CA ARG B 339 -10.03 -24.19 25.79
C ARG B 339 -8.72 -23.86 26.50
N LEU B 340 -8.14 -22.70 26.25
CA LEU B 340 -6.97 -22.28 27.02
C LEU B 340 -7.40 -21.73 28.37
N CYS B 341 -8.21 -20.68 28.37
CA CYS B 341 -8.72 -20.09 29.61
C CYS B 341 -9.46 -21.11 30.47
N PHE B 342 -10.00 -22.15 29.85
CA PHE B 342 -10.53 -23.28 30.61
C PHE B 342 -9.42 -23.99 31.36
N SER B 343 -8.44 -24.53 30.63
CA SER B 343 -7.37 -25.28 31.28
C SER B 343 -6.49 -24.41 32.15
N GLY B 344 -6.56 -23.08 31.97
CA GLY B 344 -5.84 -22.18 32.83
C GLY B 344 -6.53 -21.86 34.14
N ALA B 345 -7.78 -22.33 34.32
CA ALA B 345 -8.49 -22.09 35.56
C ALA B 345 -8.61 -23.33 36.44
N ARG B 346 -8.46 -24.52 35.86
CA ARG B 346 -8.46 -25.73 36.69
C ARG B 346 -7.29 -25.74 37.66
N GLU B 347 -6.12 -25.30 37.21
CA GLU B 347 -4.91 -25.31 38.03
C GLU B 347 -4.82 -24.11 38.97
N GLY B 348 -5.87 -23.31 39.09
CA GLY B 348 -5.91 -22.24 40.05
C GLY B 348 -5.25 -20.95 39.63
N HIS B 349 -4.72 -20.88 38.41
CA HIS B 349 -4.09 -19.66 37.93
C HIS B 349 -5.10 -18.61 37.47
N LEU B 350 -6.37 -18.97 37.42
CA LEU B 350 -7.44 -18.09 36.96
C LEU B 350 -8.60 -18.19 37.93
N PRO B 351 -9.50 -17.20 37.95
CA PRO B 351 -10.65 -17.27 38.86
C PRO B 351 -11.47 -18.53 38.64
N SER B 352 -11.99 -19.08 39.74
CA SER B 352 -12.72 -20.34 39.72
C SER B 352 -14.02 -20.25 38.93
N LEU B 353 -14.51 -19.04 38.66
CA LEU B 353 -15.76 -18.89 37.90
C LEU B 353 -15.63 -19.47 36.49
N LEU B 354 -14.42 -19.54 35.95
CA LEU B 354 -14.19 -20.14 34.65
C LEU B 354 -14.01 -21.64 34.81
N ALA B 355 -13.50 -22.31 33.77
CA ALA B 355 -13.36 -23.76 33.75
C ALA B 355 -14.71 -24.45 34.00
N MET B 356 -15.77 -23.84 33.48
CA MET B 356 -17.13 -24.32 33.69
C MET B 356 -17.49 -25.31 32.59
N ILE B 357 -18.20 -26.36 32.95
CA ILE B 357 -18.70 -27.34 32.01
C ILE B 357 -20.21 -27.35 32.09
N HIS B 358 -20.88 -27.19 30.95
CA HIS B 358 -22.32 -27.05 30.89
C HIS B 358 -22.94 -28.39 30.52
N VAL B 359 -23.62 -29.04 31.47
CA VAL B 359 -24.38 -30.23 31.15
C VAL B 359 -25.34 -29.89 30.00
N ARG B 360 -25.73 -30.92 29.24
CA ARG B 360 -26.49 -30.67 28.02
C ARG B 360 -25.64 -29.86 27.03
N HIS B 361 -24.75 -30.55 26.30
CA HIS B 361 -23.74 -30.05 25.36
C HIS B 361 -22.66 -29.19 26.02
N CYS B 362 -21.80 -29.87 26.79
CA CYS B 362 -20.67 -29.27 27.48
C CYS B 362 -19.88 -28.33 26.58
N THR B 363 -19.84 -27.05 26.96
CA THR B 363 -19.10 -25.99 26.31
C THR B 363 -18.73 -24.98 27.39
N PRO B 364 -17.50 -24.48 27.41
CA PRO B 364 -17.10 -23.52 28.46
C PRO B 364 -17.72 -22.14 28.25
N ILE B 365 -18.97 -22.01 28.70
CA ILE B 365 -19.75 -20.82 28.39
C ILE B 365 -19.13 -19.55 28.99
N PRO B 366 -18.88 -19.45 30.30
CA PRO B 366 -18.30 -18.19 30.81
C PRO B 366 -16.93 -17.91 30.26
N ALA B 367 -16.14 -18.94 29.96
CA ALA B 367 -14.87 -18.73 29.29
C ALA B 367 -15.06 -18.06 27.95
N LEU B 368 -16.02 -18.54 27.16
CA LEU B 368 -16.30 -17.95 25.86
C LEU B 368 -16.77 -16.51 26.00
N LEU B 369 -17.62 -16.23 26.98
CA LEU B 369 -18.06 -14.86 27.22
C LEU B 369 -16.89 -13.97 27.57
N VAL B 370 -15.96 -14.48 28.40
CA VAL B 370 -14.79 -13.69 28.79
C VAL B 370 -13.91 -13.38 27.59
N CYS B 371 -13.67 -14.38 26.73
CA CYS B 371 -12.88 -14.13 25.53
C CYS B 371 -13.55 -13.12 24.61
N CYS B 372 -14.86 -13.25 24.40
CA CYS B 372 -15.55 -12.30 23.53
C CYS B 372 -15.47 -10.89 24.10
N GLY B 373 -15.70 -10.74 25.40
CA GLY B 373 -15.60 -9.42 26.01
C GLY B 373 -14.19 -8.84 25.94
N ALA B 374 -13.19 -9.68 26.16
CA ALA B 374 -11.80 -9.21 26.11
C ALA B 374 -11.43 -8.76 24.71
N THR B 375 -11.90 -9.48 23.69
CA THR B 375 -11.71 -9.03 22.32
C THR B 375 -12.42 -7.70 22.08
N ALA B 376 -13.62 -7.55 22.63
CA ALA B 376 -14.40 -6.33 22.42
C ALA B 376 -13.76 -5.10 23.07
N VAL B 377 -13.16 -5.24 24.25
CA VAL B 377 -12.59 -4.05 24.91
C VAL B 377 -11.43 -3.48 24.11
N ILE B 378 -10.69 -4.33 23.39
CA ILE B 378 -9.61 -3.82 22.54
C ILE B 378 -10.16 -2.94 21.44
N MET B 379 -11.39 -3.21 21.02
CA MET B 379 -11.97 -2.55 19.85
C MET B 379 -12.17 -1.06 20.05
N LEU B 380 -12.28 -0.60 21.29
CA LEU B 380 -12.37 0.82 21.58
C LEU B 380 -11.09 1.58 21.23
N VAL B 381 -9.99 0.86 21.00
CA VAL B 381 -8.75 1.45 20.53
C VAL B 381 -8.50 0.93 19.12
N GLY B 382 -8.34 1.86 18.17
CA GLY B 382 -8.19 1.52 16.78
C GLY B 382 -6.72 1.44 16.36
N ASP B 383 -6.53 1.27 15.05
CA ASP B 383 -5.20 1.21 14.45
C ASP B 383 -4.35 0.12 15.08
N THR B 384 -4.95 -1.05 15.31
CA THR B 384 -4.21 -2.19 15.82
C THR B 384 -3.34 -2.85 14.76
N TYR B 385 -3.41 -2.39 13.52
CA TYR B 385 -2.46 -2.84 12.51
C TYR B 385 -1.04 -2.43 12.85
N THR B 386 -0.87 -1.40 13.69
CA THR B 386 0.43 -1.10 14.28
C THR B 386 0.75 -2.00 15.46
N LEU B 387 -0.22 -2.79 15.92
CA LEU B 387 -0.02 -3.72 17.03
C LEU B 387 0.32 -5.12 16.56
N ILE B 388 0.54 -5.33 15.26
CA ILE B 388 1.05 -6.61 14.79
C ILE B 388 2.44 -6.87 15.37
N ASN B 389 3.24 -5.81 15.52
CA ASN B 389 4.55 -5.96 16.15
C ASN B 389 4.41 -6.43 17.59
N TYR B 390 3.40 -5.93 18.31
CA TYR B 390 3.14 -6.36 19.68
C TYR B 390 2.99 -7.88 19.78
N VAL B 391 1.98 -8.41 19.08
CA VAL B 391 1.68 -9.84 19.18
C VAL B 391 2.83 -10.66 18.60
N SER B 392 3.47 -10.16 17.53
CA SER B 392 4.55 -10.92 16.91
C SER B 392 5.81 -10.94 17.76
N PHE B 393 6.00 -9.95 18.61
CA PHE B 393 7.09 -9.98 19.59
C PHE B 393 6.76 -10.95 20.72
N ILE B 394 5.51 -10.90 21.19
CA ILE B 394 5.14 -11.69 22.36
C ILE B 394 5.11 -13.18 22.02
N ASN B 395 4.60 -13.53 20.84
CA ASN B 395 4.62 -14.92 20.38
C ASN B 395 5.93 -15.27 19.67
N TYR B 396 6.99 -14.54 19.96
CA TYR B 396 8.36 -15.03 19.83
C TYR B 396 9.00 -15.25 21.18
N LEU B 397 8.73 -14.36 22.14
CA LEU B 397 9.20 -14.57 23.50
C LEU B 397 8.66 -15.88 24.06
N CYS B 398 7.35 -16.07 24.00
CA CYS B 398 6.76 -17.31 24.50
C CYS B 398 6.63 -18.37 23.43
N TYR B 399 7.68 -18.51 22.65
CA TYR B 399 8.07 -19.62 21.79
C TYR B 399 9.51 -20.01 22.06
N GLY B 400 10.39 -19.02 22.22
CA GLY B 400 11.72 -19.29 22.69
C GLY B 400 11.74 -19.86 24.10
N VAL B 401 10.84 -19.37 24.96
CA VAL B 401 10.79 -19.89 26.32
C VAL B 401 10.42 -21.37 26.33
N THR B 402 9.42 -21.75 25.52
CA THR B 402 9.03 -23.16 25.46
C THR B 402 10.11 -24.01 24.82
N ILE B 403 10.82 -23.49 23.82
CA ILE B 403 11.93 -24.23 23.24
C ILE B 403 13.01 -24.47 24.28
N LEU B 404 13.32 -23.45 25.08
CA LEU B 404 14.27 -23.62 26.17
C LEU B 404 13.80 -24.66 27.18
N GLY B 405 12.51 -24.65 27.49
CA GLY B 405 11.98 -25.67 28.38
C GLY B 405 12.14 -27.07 27.83
N LEU B 406 11.89 -27.24 26.53
CA LEU B 406 12.11 -28.54 25.90
C LEU B 406 13.57 -28.96 25.99
N LEU B 407 14.48 -28.01 25.73
CA LEU B 407 15.90 -28.33 25.80
C LEU B 407 16.31 -28.75 27.21
N LEU B 408 15.79 -28.07 28.23
CA LEU B 408 16.10 -28.42 29.61
C LEU B 408 15.54 -29.79 29.96
N LEU B 409 14.30 -30.07 29.56
CA LEU B 409 13.67 -31.35 29.89
C LEU B 409 14.34 -32.49 29.14
N ARG B 410 14.96 -32.21 27.99
CA ARG B 410 15.65 -33.27 27.26
C ARG B 410 16.76 -33.89 28.09
N TRP B 411 17.46 -33.09 28.88
CA TRP B 411 18.52 -33.60 29.74
C TRP B 411 18.03 -34.00 31.12
N ARG B 412 17.16 -33.17 31.73
CA ARG B 412 16.82 -33.40 33.14
C ARG B 412 16.00 -34.67 33.34
N ARG B 413 15.12 -35.01 32.41
CA ARG B 413 14.25 -36.18 32.52
C ARG B 413 14.32 -37.02 31.26
N PRO B 414 15.35 -37.86 31.13
CA PRO B 414 15.46 -38.73 29.94
C PRO B 414 14.72 -40.06 30.03
N ALA B 415 13.92 -40.27 31.07
CA ALA B 415 13.19 -41.52 31.25
C ALA B 415 11.77 -41.47 30.71
N LEU B 416 11.35 -40.35 30.13
CA LEU B 416 9.99 -40.23 29.64
C LEU B 416 9.79 -41.07 28.38
N HIS B 417 8.57 -41.61 28.25
CA HIS B 417 8.20 -42.37 27.06
C HIS B 417 7.84 -41.39 25.94
N ARG B 418 8.59 -41.45 24.84
CA ARG B 418 8.44 -40.53 23.71
C ARG B 418 8.26 -41.36 22.45
N PRO B 419 7.01 -41.70 22.10
CA PRO B 419 6.79 -42.50 20.88
C PRO B 419 7.29 -41.83 19.62
N ILE B 420 7.19 -40.51 19.52
CA ILE B 420 7.72 -39.75 18.39
C ILE B 420 8.82 -38.84 18.91
N LYS B 421 10.02 -38.98 18.35
CA LYS B 421 11.19 -38.25 18.81
C LYS B 421 11.78 -37.44 17.66
N VAL B 422 12.33 -36.28 18.00
CA VAL B 422 12.94 -35.39 17.03
C VAL B 422 14.45 -35.40 17.25
N ASN B 423 15.20 -35.46 16.15
CA ASN B 423 16.64 -35.38 16.23
C ASN B 423 17.06 -34.01 16.77
N LEU B 424 18.17 -34.00 17.50
CA LEU B 424 18.64 -32.79 18.15
C LEU B 424 19.09 -31.76 17.12
N LEU B 425 19.58 -30.62 17.61
CA LEU B 425 20.04 -29.45 16.86
C LEU B 425 18.90 -28.63 16.29
N ILE B 426 17.65 -29.11 16.37
CA ILE B 426 16.50 -28.32 15.95
C ILE B 426 16.20 -27.28 17.04
N PRO B 427 16.12 -27.67 18.33
CA PRO B 427 15.99 -26.62 19.35
C PRO B 427 17.16 -25.64 19.36
N VAL B 428 18.37 -26.11 19.06
CA VAL B 428 19.53 -25.21 19.05
C VAL B 428 19.40 -24.19 17.92
N ALA B 429 19.03 -24.66 16.73
CA ALA B 429 18.86 -23.74 15.59
C ALA B 429 17.74 -22.74 15.85
N TYR B 430 16.60 -23.23 16.36
CA TYR B 430 15.53 -22.30 16.67
C TYR B 430 15.95 -21.32 17.76
N LEU B 431 16.78 -21.78 18.70
CA LEU B 431 17.21 -20.91 19.78
C LEU B 431 18.13 -19.79 19.28
N VAL B 432 19.07 -20.12 18.40
CA VAL B 432 19.97 -19.08 17.90
C VAL B 432 19.19 -18.09 17.03
N PHE B 433 18.28 -18.60 16.18
CA PHE B 433 17.44 -17.68 15.41
C PHE B 433 16.59 -16.81 16.32
N TRP B 434 16.02 -17.39 17.36
CA TRP B 434 15.21 -16.65 18.31
C TRP B 434 16.02 -15.55 18.97
N ALA B 435 17.23 -15.88 19.44
CA ALA B 435 18.08 -14.88 20.08
C ALA B 435 18.38 -13.74 19.13
N PHE B 436 18.72 -14.07 17.87
CA PHE B 436 19.05 -13.04 16.89
C PHE B 436 17.87 -12.13 16.64
N LEU B 437 16.67 -12.70 16.45
CA LEU B 437 15.50 -11.88 16.20
C LEU B 437 15.17 -10.99 17.40
N LEU B 438 15.26 -11.52 18.61
CA LEU B 438 15.02 -10.69 19.79
C LEU B 438 16.00 -9.53 19.87
N VAL B 439 17.31 -9.80 19.73
CA VAL B 439 18.26 -8.70 19.90
C VAL B 439 18.07 -7.66 18.81
N PHE B 440 17.87 -8.10 17.56
CA PHE B 440 17.76 -7.14 16.46
C PHE B 440 16.40 -6.45 16.41
N SER B 441 15.39 -6.97 17.09
CA SER B 441 14.09 -6.31 17.16
C SER B 441 13.94 -5.44 18.40
N PHE B 442 14.82 -5.60 19.39
CA PHE B 442 14.80 -4.75 20.58
C PHE B 442 15.61 -3.47 20.41
N ILE B 443 16.20 -3.24 19.24
CA ILE B 443 17.03 -2.06 19.01
C ILE B 443 16.32 -1.09 18.09
N SER B 444 15.52 -1.62 17.15
CA SER B 444 14.90 -0.78 16.15
C SER B 444 13.91 0.20 16.78
N GLU B 445 12.85 -0.31 17.41
CA GLU B 445 11.90 0.51 18.15
C GLU B 445 11.82 -0.04 19.57
N PRO B 446 12.49 0.62 20.52
CA PRO B 446 12.56 0.05 21.87
C PRO B 446 11.36 0.40 22.74
N MET B 447 10.65 1.50 22.46
CA MET B 447 9.64 1.99 23.40
C MET B 447 8.46 1.03 23.52
N VAL B 448 7.89 0.60 22.39
CA VAL B 448 6.71 -0.25 22.44
C VAL B 448 7.06 -1.64 22.96
N CYS B 449 8.21 -2.17 22.54
CA CYS B 449 8.64 -3.47 23.03
C CYS B 449 8.89 -3.43 24.54
N GLY B 450 9.51 -2.36 25.03
CA GLY B 450 9.73 -2.23 26.46
C GLY B 450 8.42 -2.09 27.23
N VAL B 451 7.47 -1.34 26.68
CA VAL B 451 6.16 -1.21 27.33
C VAL B 451 5.48 -2.57 27.39
N GLY B 452 5.55 -3.35 26.31
CA GLY B 452 4.96 -4.67 26.32
C GLY B 452 5.65 -5.61 27.31
N VAL B 453 6.97 -5.54 27.40
CA VAL B 453 7.70 -6.35 28.37
C VAL B 453 7.27 -6.00 29.78
N ILE B 454 7.13 -4.69 30.07
CA ILE B 454 6.67 -4.26 31.38
C ILE B 454 5.25 -4.77 31.64
N ILE B 455 4.40 -4.76 30.61
CA ILE B 455 3.03 -5.21 30.78
C ILE B 455 2.98 -6.70 31.10
N ILE B 456 3.80 -7.51 30.42
CA ILE B 456 3.80 -8.94 30.72
C ILE B 456 4.48 -9.22 32.06
N LEU B 457 5.40 -8.36 32.49
CA LEU B 457 6.10 -8.61 33.74
C LEU B 457 5.33 -8.13 34.96
N THR B 458 4.40 -7.19 34.78
CA THR B 458 3.67 -6.72 35.96
C THR B 458 2.60 -7.69 36.42
N GLY B 459 2.50 -8.89 35.83
CA GLY B 459 1.56 -9.88 36.33
C GLY B 459 2.03 -10.64 37.54
N VAL B 460 3.32 -10.53 37.89
CA VAL B 460 3.82 -11.22 39.08
C VAL B 460 3.13 -10.76 40.35
N PRO B 461 2.91 -9.46 40.58
CA PRO B 461 2.11 -9.08 41.77
C PRO B 461 0.72 -9.67 41.76
N ILE B 462 0.10 -9.82 40.59
CA ILE B 462 -1.20 -10.48 40.51
C ILE B 462 -1.08 -11.93 40.96
N PHE B 463 -0.02 -12.61 40.53
CA PHE B 463 0.23 -13.98 40.96
C PHE B 463 0.35 -14.03 42.48
N PHE B 464 1.15 -13.14 43.06
CA PHE B 464 1.36 -13.16 44.51
C PHE B 464 0.06 -12.89 45.25
N LEU B 465 -0.74 -11.95 44.77
CA LEU B 465 -2.01 -11.63 45.43
C LEU B 465 -3.04 -12.73 45.25
N GLY B 466 -2.95 -13.53 44.19
CA GLY B 466 -3.95 -14.53 43.92
C GLY B 466 -3.69 -15.91 44.51
N VAL B 467 -2.50 -16.45 44.26
CA VAL B 467 -2.17 -17.83 44.62
C VAL B 467 -1.21 -17.87 45.80
N PHE B 468 -0.14 -17.05 45.75
CA PHE B 468 0.88 -17.09 46.78
C PHE B 468 0.33 -16.65 48.14
N TRP B 469 -0.69 -15.80 48.14
CA TRP B 469 -1.27 -15.28 49.38
C TRP B 469 -2.51 -16.11 49.68
N ARG B 470 -2.52 -16.79 50.84
CA ARG B 470 -3.58 -17.71 51.20
C ARG B 470 -4.11 -17.38 52.59
N SER B 471 -5.14 -18.12 53.00
CA SER B 471 -5.79 -17.91 54.29
C SER B 471 -6.26 -16.47 54.43
N LYS B 472 -7.08 -16.04 53.47
CA LYS B 472 -7.60 -14.68 53.44
C LYS B 472 -8.75 -14.53 54.42
N PRO B 473 -9.06 -13.29 54.81
CA PRO B 473 -10.26 -13.04 55.63
C PRO B 473 -11.52 -13.61 54.97
N LYS B 474 -12.53 -13.84 55.82
CA LYS B 474 -13.77 -14.47 55.35
C LYS B 474 -14.47 -13.60 54.31
N CYS B 475 -14.24 -12.29 54.32
CA CYS B 475 -14.87 -11.42 53.35
C CYS B 475 -14.44 -11.74 51.92
N VAL B 476 -13.30 -12.40 51.75
CA VAL B 476 -12.85 -12.78 50.41
C VAL B 476 -13.49 -14.08 49.96
N HIS B 477 -13.41 -15.11 50.82
CA HIS B 477 -13.97 -16.41 50.45
C HIS B 477 -15.49 -16.33 50.27
N ARG B 478 -16.17 -15.62 51.16
CA ARG B 478 -17.63 -15.52 51.06
C ARG B 478 -18.04 -14.83 49.77
N LEU B 479 -17.37 -13.73 49.42
CA LEU B 479 -17.68 -13.03 48.19
C LEU B 479 -17.39 -13.90 46.97
N THR B 480 -16.25 -14.59 46.98
CA THR B 480 -15.89 -15.44 45.84
C THR B 480 -16.90 -16.56 45.65
N GLU B 481 -17.28 -17.21 46.76
CA GLU B 481 -18.25 -18.30 46.66
C GLU B 481 -19.61 -17.79 46.20
N SER B 482 -20.05 -16.64 46.71
CA SER B 482 -21.34 -16.10 46.29
C SER B 482 -21.33 -15.76 44.80
N MET B 483 -20.26 -15.12 44.32
CA MET B 483 -20.17 -14.79 42.90
C MET B 483 -20.14 -16.04 42.04
N THR B 484 -19.37 -17.05 42.46
CA THR B 484 -19.29 -18.29 41.70
C THR B 484 -20.64 -18.99 41.66
N HIS B 485 -21.36 -19.01 42.79
CA HIS B 485 -22.68 -19.64 42.81
C HIS B 485 -23.66 -18.88 41.93
N TRP B 486 -23.60 -17.55 41.94
CA TRP B 486 -24.51 -16.76 41.12
C TRP B 486 -24.25 -17.02 39.63
N GLY B 487 -22.99 -16.99 39.22
CA GLY B 487 -22.67 -17.31 37.83
C GLY B 487 -23.02 -18.75 37.47
N GLN B 488 -22.83 -19.66 38.42
CA GLN B 488 -23.23 -21.05 38.22
C GLN B 488 -24.71 -21.17 37.93
N GLU B 489 -25.55 -20.55 38.76
CA GLU B 489 -26.98 -20.62 38.56
C GLU B 489 -27.40 -19.91 37.28
N LEU B 490 -26.70 -18.85 36.91
CA LEU B 490 -27.06 -18.13 35.69
C LEU B 490 -26.73 -18.92 34.44
N CYS B 491 -25.53 -19.50 34.36
CA CYS B 491 -25.09 -20.14 33.14
C CYS B 491 -25.44 -21.62 33.06
N PHE B 492 -25.91 -22.23 34.15
CA PHE B 492 -26.31 -23.64 34.17
C PHE B 492 -25.15 -24.56 33.80
N VAL B 493 -24.12 -24.58 34.65
CA VAL B 493 -22.93 -25.38 34.40
C VAL B 493 -22.66 -26.34 35.55
N VAL B 494 -21.59 -27.12 35.45
CA VAL B 494 -21.08 -27.92 36.56
C VAL B 494 -19.57 -27.74 36.53
N TYR B 495 -18.96 -27.78 37.73
CA TYR B 495 -17.49 -27.61 37.85
C TYR B 495 -16.82 -28.97 37.77
N PRO B 496 -16.00 -29.25 36.72
CA PRO B 496 -15.27 -30.50 36.63
C PRO B 496 -14.39 -30.70 37.88
N GLN B 497 -13.62 -29.68 38.26
CA GLN B 497 -12.66 -29.80 39.39
C GLN B 497 -11.50 -30.71 38.98
#